data_4DNG
#
_entry.id   4DNG
#
_cell.length_a   64.205
_cell.length_b   90.522
_cell.length_c   86.863
_cell.angle_alpha   90.000
_cell.angle_beta   108.440
_cell.angle_gamma   90.000
#
_symmetry.space_group_name_H-M   'P 1 21 1'
#
loop_
_entity.id
_entity.type
_entity.pdbx_description
1 polymer 'Uncharacterized aldehyde dehydrogenase AldY'
2 water water
#
_entity_poly.entity_id   1
_entity_poly.type   'polypeptide(L)'
_entity_poly.pdbx_seq_one_letter_code
;MSFETLNKSFINGKWTGGESGRTEDILNPYDQSVITTASLATGKQLEDAFDIAQKAQKEWAKSTTEDRKAVLQKARGYLH
ENRDDIIMMIARETGGTIIKSTIELEQTIAILDEAMTYTGELGGVKEVPSDIEGKTNKIYRLPLGVISSISPFNFPMNLS
MRSIAPAIALGNSVVHKPDIQTAISGGTIIAKAFEHAGLPAGVLNVMLTDVKEIGDGMLTNPIPRLISFTGSTAVGRHIG
EIAGRAFKRMALELGGNNPFAVLSDADVDRAVDAAIFGKFIHQGQICMIINRIIVHQDVYDEFVEKFTARVKQLPYGDQT
DPKTVVGPLINERQIEKALEIIEQAKTDGIELAVEGKRVGNVLTPYVFVGADNNSKIAQTELFAPIATIIKAGSDQEAID
MANDTEYGLSSAVFTSDLEKGEKFALQIDSGMTHVNDQSVNDSPNIAFGGNKASGVGRFGNPWVVEEFTVTKWISIQKQY
RKYPF
;
_entity_poly.pdbx_strand_id   A,B
#
# COMPACT_ATOMS: atom_id res chain seq x y z
N MET A 1 -27.67 -28.51 7.13
CA MET A 1 -28.51 -29.35 6.22
C MET A 1 -27.72 -29.89 5.03
N SER A 2 -26.87 -30.89 5.33
CA SER A 2 -26.04 -31.60 4.34
C SER A 2 -24.99 -30.71 3.69
N PHE A 3 -24.49 -29.74 4.45
CA PHE A 3 -23.47 -28.82 3.97
C PHE A 3 -22.20 -29.53 3.47
N GLU A 4 -22.04 -30.80 3.84
CA GLU A 4 -20.99 -31.65 3.28
C GLU A 4 -21.20 -31.96 1.77
N THR A 5 -22.36 -31.63 1.23
CA THR A 5 -22.59 -31.75 -0.21
C THR A 5 -21.71 -30.75 -0.99
N LEU A 6 -21.29 -29.69 -0.28
CA LEU A 6 -20.59 -28.56 -0.87
C LEU A 6 -19.08 -28.76 -0.75
N ASN A 7 -18.58 -29.71 -1.50
CA ASN A 7 -17.16 -30.06 -1.43
C ASN A 7 -16.42 -29.72 -2.73
N LYS A 8 -17.03 -28.84 -3.53
CA LYS A 8 -16.46 -28.44 -4.81
C LYS A 8 -16.04 -26.98 -4.83
N SER A 9 -15.24 -26.62 -5.83
CA SER A 9 -14.96 -25.23 -6.10
C SER A 9 -16.20 -24.68 -6.66
N PHE A 10 -16.36 -23.36 -6.54
CA PHE A 10 -17.44 -22.68 -7.21
C PHE A 10 -16.74 -21.73 -8.15
N ILE A 11 -16.74 -22.11 -9.43
CA ILE A 11 -16.15 -21.33 -10.51
C ILE A 11 -17.22 -20.97 -11.54
N ASN A 12 -17.21 -19.70 -11.97
CA ASN A 12 -18.12 -19.18 -13.01
C ASN A 12 -19.55 -19.62 -12.85
N GLY A 13 -20.02 -19.65 -11.61
CA GLY A 13 -21.41 -19.94 -11.33
C GLY A 13 -21.69 -21.41 -11.26
N LYS A 14 -20.64 -22.24 -11.25
CA LYS A 14 -20.81 -23.70 -11.22
C LYS A 14 -19.97 -24.41 -10.15
N TRP A 15 -20.55 -25.48 -9.62
CA TRP A 15 -19.83 -26.41 -8.75
C TRP A 15 -18.99 -27.27 -9.61
N THR A 16 -17.68 -27.18 -9.41
CA THR A 16 -16.67 -27.67 -10.32
C THR A 16 -15.72 -28.51 -9.51
N GLY A 17 -15.66 -29.80 -9.83
CA GLY A 17 -14.66 -30.70 -9.27
C GLY A 17 -13.22 -30.29 -9.56
N GLY A 18 -12.29 -30.81 -8.77
CA GLY A 18 -10.87 -30.60 -9.00
C GLY A 18 -10.32 -31.53 -10.07
N GLU A 19 -9.44 -31.00 -10.92
CA GLU A 19 -8.92 -31.75 -12.03
C GLU A 19 -7.54 -32.35 -11.77
N SER A 20 -7.08 -32.32 -10.53
CA SER A 20 -5.67 -32.63 -10.27
C SER A 20 -5.42 -34.09 -9.99
N GLY A 21 -6.49 -34.84 -9.77
CA GLY A 21 -6.41 -36.25 -9.39
C GLY A 21 -6.40 -36.45 -7.88
N ARG A 22 -5.92 -35.45 -7.16
CA ARG A 22 -5.67 -35.58 -5.72
C ARG A 22 -6.91 -35.17 -4.95
N THR A 23 -7.05 -35.71 -3.74
CA THR A 23 -8.18 -35.35 -2.90
C THR A 23 -7.73 -35.26 -1.45
N GLU A 24 -8.54 -34.57 -0.64
CA GLU A 24 -8.27 -34.46 0.77
C GLU A 24 -9.55 -34.61 1.55
N ASP A 25 -9.47 -35.40 2.60
CA ASP A 25 -10.56 -35.54 3.52
C ASP A 25 -10.59 -34.35 4.48
N ILE A 26 -11.73 -33.67 4.52
CA ILE A 26 -11.91 -32.61 5.51
C ILE A 26 -12.42 -33.27 6.77
N LEU A 27 -11.71 -33.03 7.88
CA LEU A 27 -11.92 -33.77 9.10
C LEU A 27 -12.53 -32.93 10.21
N ASN A 28 -13.25 -33.58 11.10
CA ASN A 28 -13.60 -33.00 12.36
C ASN A 28 -12.39 -33.21 13.22
N PRO A 29 -11.92 -32.13 13.82
CA PRO A 29 -10.71 -32.13 14.63
C PRO A 29 -10.78 -32.98 15.88
N TYR A 30 -11.95 -33.02 16.51
CA TYR A 30 -12.11 -33.77 17.74
C TYR A 30 -11.88 -35.25 17.54
N ASP A 31 -12.43 -35.83 16.50
CA ASP A 31 -12.31 -37.26 16.37
C ASP A 31 -11.66 -37.73 15.11
N GLN A 32 -11.36 -36.82 14.19
CA GLN A 32 -10.69 -37.19 12.96
C GLN A 32 -11.63 -37.82 11.95
N SER A 33 -12.91 -37.80 12.25
CA SER A 33 -13.95 -38.31 11.34
C SER A 33 -14.06 -37.45 10.09
N VAL A 34 -14.44 -38.08 8.99
CA VAL A 34 -14.45 -37.45 7.69
C VAL A 34 -15.78 -36.73 7.52
N ILE A 35 -15.72 -35.41 7.33
CA ILE A 35 -16.90 -34.62 7.05
C ILE A 35 -17.30 -34.73 5.57
N THR A 36 -16.35 -34.42 4.67
CA THR A 36 -16.38 -34.80 3.26
C THR A 36 -14.98 -35.05 2.74
N THR A 37 -14.95 -35.36 1.45
CA THR A 37 -13.74 -35.48 0.67
C THR A 37 -13.80 -34.46 -0.46
N ALA A 38 -12.74 -33.69 -0.63
CA ALA A 38 -12.77 -32.66 -1.65
C ALA A 38 -11.65 -32.92 -2.64
N SER A 39 -11.99 -32.83 -3.92
CA SER A 39 -11.03 -32.91 -5.01
C SER A 39 -10.34 -31.56 -5.18
N LEU A 40 -9.03 -31.60 -5.39
CA LEU A 40 -8.19 -30.42 -5.41
C LEU A 40 -8.09 -29.85 -6.82
N ALA A 41 -8.38 -28.57 -6.97
CA ALA A 41 -8.34 -27.92 -8.27
C ALA A 41 -6.88 -27.65 -8.68
N THR A 42 -6.65 -27.40 -9.97
CA THR A 42 -5.28 -27.30 -10.48
C THR A 42 -4.86 -25.89 -10.75
N GLY A 43 -3.54 -25.71 -10.86
CA GLY A 43 -2.98 -24.48 -11.43
C GLY A 43 -3.74 -23.93 -12.63
N LYS A 44 -3.99 -24.79 -13.64
CA LYS A 44 -4.71 -24.37 -14.82
C LYS A 44 -6.10 -23.84 -14.46
N GLN A 45 -6.84 -24.59 -13.64
CA GLN A 45 -8.19 -24.17 -13.17
C GLN A 45 -8.19 -22.78 -12.49
N LEU A 46 -7.16 -22.52 -11.68
CA LEU A 46 -7.01 -21.22 -11.01
C LEU A 46 -6.84 -20.11 -12.04
N GLU A 47 -5.94 -20.33 -13.00
CA GLU A 47 -5.79 -19.37 -14.10
C GLU A 47 -7.09 -19.16 -14.88
N ASP A 48 -7.84 -20.22 -15.20
CA ASP A 48 -9.18 -20.01 -15.77
C ASP A 48 -10.01 -19.06 -14.89
N ALA A 49 -10.01 -19.35 -13.58
CA ALA A 49 -10.81 -18.60 -12.61
C ALA A 49 -10.46 -17.13 -12.56
N PHE A 50 -9.17 -16.81 -12.50
CA PHE A 50 -8.75 -15.42 -12.65
C PHE A 50 -9.22 -14.79 -13.98
N ASP A 51 -9.02 -15.53 -15.08
CA ASP A 51 -9.47 -15.11 -16.43
CA ASP A 51 -9.48 -15.09 -16.42
C ASP A 51 -10.99 -14.83 -16.40
N ILE A 52 -11.75 -15.79 -15.87
CA ILE A 52 -13.20 -15.65 -15.72
C ILE A 52 -13.62 -14.49 -14.80
N ALA A 53 -12.88 -14.29 -13.70
CA ALA A 53 -13.17 -13.19 -12.79
C ALA A 53 -12.95 -11.81 -13.45
N GLN A 54 -11.91 -11.71 -14.29
CA GLN A 54 -11.64 -10.46 -15.02
C GLN A 54 -12.76 -10.08 -15.97
N LYS A 55 -13.29 -11.08 -16.68
CA LYS A 55 -14.41 -10.82 -17.58
C LYS A 55 -15.61 -10.32 -16.78
N ALA A 56 -16.06 -11.13 -15.81
CA ALA A 56 -17.27 -10.82 -15.04
C ALA A 56 -17.23 -9.45 -14.36
N GLN A 57 -16.03 -9.03 -13.95
CA GLN A 57 -15.84 -7.75 -13.30
C GLN A 57 -16.15 -6.56 -14.21
N LYS A 58 -15.81 -6.66 -15.49
CA LYS A 58 -16.16 -5.58 -16.43
C LYS A 58 -17.67 -5.33 -16.46
N GLU A 59 -18.44 -6.41 -16.39
CA GLU A 59 -19.91 -6.33 -16.37
C GLU A 59 -20.47 -5.97 -14.99
N TRP A 60 -19.83 -6.47 -13.93
CA TRP A 60 -20.28 -6.22 -12.57
C TRP A 60 -20.08 -4.79 -12.18
N ALA A 61 -19.06 -4.17 -12.75
CA ALA A 61 -18.83 -2.72 -12.63
C ALA A 61 -20.03 -1.90 -13.08
N LYS A 62 -20.90 -2.49 -13.90
CA LYS A 62 -22.03 -1.74 -14.49
C LYS A 62 -23.30 -1.89 -13.66
N SER A 63 -23.18 -2.55 -12.51
CA SER A 63 -24.33 -2.82 -11.66
C SER A 63 -24.72 -1.57 -10.91
N THR A 64 -26.02 -1.43 -10.64
CA THR A 64 -26.53 -0.32 -9.87
C THR A 64 -26.35 -0.61 -8.40
N THR A 65 -26.48 0.44 -7.58
CA THR A 65 -26.51 0.30 -6.14
C THR A 65 -27.51 -0.79 -5.70
N GLU A 66 -28.75 -0.70 -6.20
CA GLU A 66 -29.84 -1.63 -5.82
C GLU A 66 -29.48 -3.09 -6.16
N ASP A 67 -28.95 -3.32 -7.36
CA ASP A 67 -28.47 -4.65 -7.74
C ASP A 67 -27.60 -5.19 -6.61
N ARG A 68 -26.67 -4.35 -6.15
CA ARG A 68 -25.65 -4.77 -5.21
C ARG A 68 -26.14 -4.90 -3.78
N LYS A 69 -27.04 -4.02 -3.35
CA LYS A 69 -27.61 -4.15 -2.00
C LYS A 69 -28.48 -5.40 -1.93
N ALA A 70 -29.24 -5.68 -2.99
CA ALA A 70 -30.10 -6.87 -3.06
C ALA A 70 -29.32 -8.18 -2.91
N VAL A 71 -28.20 -8.26 -3.64
CA VAL A 71 -27.32 -9.42 -3.57
C VAL A 71 -26.82 -9.65 -2.14
N LEU A 72 -26.45 -8.58 -1.45
CA LEU A 72 -25.92 -8.69 -0.10
C LEU A 72 -27.00 -9.05 0.87
N GLN A 73 -28.18 -8.45 0.68
CA GLN A 73 -29.34 -8.72 1.52
C GLN A 73 -29.69 -10.20 1.47
N LYS A 74 -29.90 -10.73 0.26
CA LYS A 74 -30.27 -12.14 0.12
C LYS A 74 -29.16 -13.03 0.67
N ALA A 75 -27.90 -12.63 0.45
CA ALA A 75 -26.74 -13.30 1.05
C ALA A 75 -26.78 -13.31 2.59
N ARG A 76 -26.83 -12.13 3.23
CA ARG A 76 -26.99 -12.08 4.68
C ARG A 76 -28.25 -12.84 5.12
N GLY A 77 -29.28 -12.78 4.29
CA GLY A 77 -30.55 -13.47 4.57
C GLY A 77 -30.38 -14.97 4.59
N TYR A 78 -29.68 -15.51 3.59
CA TYR A 78 -29.36 -16.94 3.56
C TYR A 78 -28.64 -17.39 4.84
N LEU A 79 -27.71 -16.58 5.32
CA LEU A 79 -26.88 -17.01 6.47
C LEU A 79 -27.66 -17.00 7.78
N HIS A 80 -28.56 -16.04 7.91
CA HIS A 80 -29.37 -15.88 9.12
C HIS A 80 -30.47 -16.93 9.22
N GLU A 81 -31.21 -17.12 8.12
CA GLU A 81 -32.21 -18.19 8.00
C GLU A 81 -31.60 -19.55 8.37
N ASN A 82 -30.35 -19.74 7.96
CA ASN A 82 -29.68 -21.03 8.08
C ASN A 82 -28.70 -21.10 9.23
N ARG A 83 -28.81 -20.15 10.16
CA ARG A 83 -27.80 -19.97 11.20
C ARG A 83 -27.47 -21.24 11.98
N ASP A 84 -28.49 -22.03 12.29
CA ASP A 84 -28.28 -23.19 13.16
C ASP A 84 -27.37 -24.25 12.55
N ASP A 85 -27.67 -24.65 11.32
CA ASP A 85 -26.86 -25.59 10.54
C ASP A 85 -25.45 -25.05 10.24
N ILE A 86 -25.35 -23.76 9.98
CA ILE A 86 -24.07 -23.17 9.63
C ILE A 86 -23.17 -23.19 10.86
N ILE A 87 -23.73 -22.83 12.01
CA ILE A 87 -22.99 -22.79 13.28
C ILE A 87 -22.42 -24.19 13.61
N MET A 88 -23.28 -25.18 13.53
CA MET A 88 -22.87 -26.57 13.69
C MET A 88 -21.71 -26.92 12.79
N MET A 89 -21.84 -26.63 11.49
CA MET A 89 -20.78 -26.94 10.52
C MET A 89 -19.44 -26.20 10.78
N ILE A 90 -19.50 -24.91 11.11
CA ILE A 90 -18.30 -24.16 11.52
C ILE A 90 -17.62 -24.86 12.70
N ALA A 91 -18.40 -25.27 13.69
CA ALA A 91 -17.88 -26.02 14.81
C ALA A 91 -17.22 -27.35 14.37
N ARG A 92 -17.95 -28.18 13.61
CA ARG A 92 -17.44 -29.48 13.17
C ARG A 92 -16.13 -29.38 12.41
N GLU A 93 -16.03 -28.42 11.49
CA GLU A 93 -14.91 -28.37 10.52
C GLU A 93 -13.69 -27.81 11.18
N THR A 94 -13.96 -26.92 12.12
CA THR A 94 -13.02 -25.94 12.59
C THR A 94 -12.54 -26.30 14.00
N GLY A 95 -13.32 -27.08 14.74
CA GLY A 95 -12.98 -27.44 16.12
C GLY A 95 -13.27 -26.30 17.10
N GLY A 96 -13.64 -25.16 16.56
CA GLY A 96 -14.19 -24.07 17.34
C GLY A 96 -15.47 -24.49 18.00
N THR A 97 -15.71 -23.89 19.14
CA THR A 97 -16.83 -24.16 20.02
C THR A 97 -18.14 -23.57 19.43
N ILE A 98 -19.32 -24.11 19.83
CA ILE A 98 -20.60 -23.52 19.39
C ILE A 98 -20.68 -22.04 19.74
N ILE A 99 -20.17 -21.68 20.92
CA ILE A 99 -20.07 -20.27 21.31
C ILE A 99 -19.19 -19.48 20.35
N LYS A 100 -17.96 -19.94 20.14
CA LYS A 100 -17.05 -19.25 19.22
C LYS A 100 -17.69 -19.18 17.83
N SER A 101 -18.35 -20.25 17.43
CA SER A 101 -18.93 -20.35 16.09
C SER A 101 -20.11 -19.39 15.90
N THR A 102 -20.91 -19.23 16.96
CA THR A 102 -22.04 -18.33 16.91
C THR A 102 -21.57 -16.91 16.71
N ILE A 103 -20.51 -16.56 17.43
CA ILE A 103 -19.93 -15.22 17.38
C ILE A 103 -19.40 -14.97 15.96
N GLU A 104 -18.75 -15.98 15.40
CA GLU A 104 -18.21 -15.88 14.06
C GLU A 104 -19.30 -15.70 12.99
N LEU A 105 -20.38 -16.50 13.09
CA LEU A 105 -21.49 -16.33 12.15
C LEU A 105 -22.11 -14.97 12.30
N GLU A 106 -22.32 -14.54 13.54
CA GLU A 106 -22.81 -13.19 13.80
C GLU A 106 -21.92 -12.10 13.19
N GLN A 107 -20.61 -12.16 13.43
CA GLN A 107 -19.70 -11.16 12.88
C GLN A 107 -19.70 -11.09 11.36
N THR A 108 -19.77 -12.26 10.72
CA THR A 108 -19.93 -12.41 9.26
C THR A 108 -21.17 -11.68 8.71
N ILE A 109 -22.30 -11.84 9.40
CA ILE A 109 -23.52 -11.11 9.12
C ILE A 109 -23.33 -9.60 9.34
N ALA A 110 -22.73 -9.22 10.46
CA ALA A 110 -22.40 -7.82 10.69
C ALA A 110 -21.65 -7.22 9.49
N ILE A 111 -20.59 -7.90 9.04
CA ILE A 111 -19.84 -7.46 7.86
C ILE A 111 -20.72 -7.26 6.62
N LEU A 112 -21.66 -8.17 6.36
CA LEU A 112 -22.58 -7.98 5.24
C LEU A 112 -23.52 -6.78 5.45
N ASP A 113 -24.00 -6.61 6.68
CA ASP A 113 -24.82 -5.44 7.03
C ASP A 113 -24.04 -4.15 6.77
N GLU A 114 -22.74 -4.17 7.03
CA GLU A 114 -21.91 -2.97 6.93
C GLU A 114 -21.68 -2.63 5.47
N ALA A 115 -21.41 -3.65 4.65
CA ALA A 115 -21.22 -3.47 3.21
C ALA A 115 -22.33 -2.70 2.51
N MET A 116 -23.58 -3.01 2.86
CA MET A 116 -24.73 -2.32 2.29
C MET A 116 -24.71 -0.81 2.48
N THR A 117 -24.06 -0.34 3.54
CA THR A 117 -24.01 1.10 3.84
C THR A 117 -23.08 1.85 2.89
N TYR A 118 -22.17 1.14 2.24
CA TYR A 118 -21.25 1.82 1.33
C TYR A 118 -21.23 1.32 -0.12
N THR A 119 -22.11 0.37 -0.43
CA THR A 119 -22.33 -0.05 -1.82
C THR A 119 -22.63 1.19 -2.67
N GLY A 120 -23.11 2.22 -2.02
CA GLY A 120 -23.45 3.47 -2.66
C GLY A 120 -22.29 4.30 -3.07
N GLU A 121 -21.10 3.93 -2.63
CA GLU A 121 -19.95 4.79 -2.76
C GLU A 121 -19.36 5.02 -4.16
N LEU A 122 -19.80 4.26 -5.16
CA LEU A 122 -19.18 4.34 -6.48
C LEU A 122 -19.65 5.50 -7.36
N GLY A 123 -19.33 6.75 -7.01
CA GLY A 123 -19.75 7.89 -7.79
C GLY A 123 -18.86 9.11 -7.69
N GLY A 124 -18.92 9.99 -8.68
CA GLY A 124 -17.95 11.09 -8.81
C GLY A 124 -18.11 12.38 -8.02
N VAL A 125 -17.05 12.77 -7.31
CA VAL A 125 -16.96 14.06 -6.60
C VAL A 125 -16.21 15.11 -7.45
N LYS A 126 -16.66 16.36 -7.42
CA LYS A 126 -15.94 17.49 -8.05
C LYS A 126 -15.22 18.28 -6.97
N GLU A 127 -14.10 18.93 -7.32
CA GLU A 127 -13.43 19.87 -6.40
C GLU A 127 -12.20 20.60 -6.98
N VAL A 128 -11.73 21.59 -6.24
CA VAL A 128 -10.42 22.16 -6.44
C VAL A 128 -10.18 22.63 -7.85
N PRO A 129 -11.15 23.28 -8.43
CA PRO A 129 -10.95 23.69 -9.80
C PRO A 129 -9.69 24.50 -9.81
N SER A 130 -8.86 24.23 -10.80
CA SER A 130 -7.51 24.74 -10.82
C SER A 130 -7.42 26.19 -11.21
N ASP A 131 -6.25 26.77 -11.04
CA ASP A 131 -6.05 28.20 -11.12
C ASP A 131 -6.55 28.56 -12.48
N ILE A 132 -6.32 27.67 -13.43
CA ILE A 132 -6.77 27.89 -14.79
C ILE A 132 -8.26 28.04 -14.86
N GLU A 133 -8.68 29.00 -15.67
CA GLU A 133 -10.06 29.19 -15.98
C GLU A 133 -10.43 28.06 -16.92
N GLY A 134 -11.68 27.63 -16.86
CA GLY A 134 -12.26 26.74 -17.85
C GLY A 134 -11.88 25.31 -17.57
N LYS A 135 -11.05 25.14 -16.55
CA LYS A 135 -10.57 23.85 -16.10
C LYS A 135 -11.45 23.26 -14.98
N THR A 136 -11.74 21.95 -15.09
CA THR A 136 -12.53 21.23 -14.10
C THR A 136 -11.79 19.97 -13.72
N ASN A 137 -11.62 19.78 -12.40
CA ASN A 137 -11.03 18.57 -11.84
C ASN A 137 -12.09 17.71 -11.15
N LYS A 138 -12.31 16.51 -11.68
CA LYS A 138 -13.31 15.59 -11.17
C LYS A 138 -12.69 14.28 -10.73
N ILE A 139 -13.10 13.82 -9.55
CA ILE A 139 -12.61 12.58 -9.00
C ILE A 139 -13.77 11.59 -8.94
N TYR A 140 -13.52 10.40 -9.47
CA TYR A 140 -14.49 9.34 -9.48
C TYR A 140 -14.01 8.17 -8.65
N ARG A 141 -14.97 7.46 -8.08
CA ARG A 141 -14.74 6.31 -7.24
C ARG A 141 -15.16 5.12 -8.08
N LEU A 142 -14.17 4.35 -8.49
CA LEU A 142 -14.39 3.21 -9.37
C LEU A 142 -13.94 1.93 -8.69
N PRO A 143 -14.39 0.77 -9.18
CA PRO A 143 -13.88 -0.53 -8.66
C PRO A 143 -12.36 -0.73 -8.86
N LEU A 144 -11.74 -1.61 -8.08
CA LEU A 144 -10.30 -1.88 -8.24
C LEU A 144 -10.08 -2.85 -9.38
N GLY A 145 -10.91 -3.89 -9.41
CA GLY A 145 -10.83 -4.95 -10.41
C GLY A 145 -11.01 -6.32 -9.78
N VAL A 146 -10.00 -7.17 -9.91
CA VAL A 146 -10.11 -8.54 -9.43
C VAL A 146 -9.29 -8.73 -8.17
N ILE A 147 -9.94 -9.24 -7.12
CA ILE A 147 -9.34 -9.37 -5.80
C ILE A 147 -8.88 -10.82 -5.64
N SER A 148 -7.63 -11.02 -5.20
CA SER A 148 -7.14 -12.32 -4.75
C SER A 148 -7.23 -12.41 -3.23
N SER A 149 -8.00 -13.38 -2.77
CA SER A 149 -8.37 -13.50 -1.36
C SER A 149 -8.00 -14.86 -0.80
N ILE A 150 -7.26 -14.86 0.32
CA ILE A 150 -6.73 -16.08 0.95
C ILE A 150 -7.02 -16.04 2.45
N SER A 151 -7.63 -17.11 2.96
CA SER A 151 -7.97 -17.14 4.36
C SER A 151 -7.40 -18.36 5.08
N PRO A 152 -7.25 -18.27 6.40
CA PRO A 152 -6.60 -19.35 7.11
C PRO A 152 -7.62 -20.23 7.81
N PHE A 153 -7.15 -21.16 8.64
CA PHE A 153 -8.00 -22.15 9.31
C PHE A 153 -8.67 -21.68 10.59
N ASN A 154 -8.27 -20.53 11.12
CA ASN A 154 -8.90 -20.01 12.32
C ASN A 154 -9.75 -18.85 11.91
N PHE A 155 -11.00 -18.83 12.37
CA PHE A 155 -11.96 -17.81 11.94
C PHE A 155 -12.11 -17.72 10.42
N PRO A 156 -12.22 -18.88 9.76
CA PRO A 156 -12.27 -18.92 8.29
C PRO A 156 -13.40 -18.08 7.67
N MET A 157 -14.61 -18.15 8.23
CA MET A 157 -15.76 -17.53 7.59
C MET A 157 -15.76 -16.01 7.75
N ASN A 158 -15.51 -15.58 8.97
CA ASN A 158 -15.42 -14.18 9.28
C ASN A 158 -14.36 -13.48 8.40
N LEU A 159 -13.15 -14.03 8.35
CA LEU A 159 -12.03 -13.41 7.64
C LEU A 159 -12.21 -13.43 6.12
N SER A 160 -12.66 -14.55 5.58
CA SER A 160 -13.06 -14.63 4.19
C SER A 160 -14.07 -13.51 3.85
N MET A 161 -15.16 -13.42 4.60
CA MET A 161 -16.20 -12.44 4.27
C MET A 161 -15.67 -11.01 4.47
N ARG A 162 -14.66 -10.85 5.32
CA ARG A 162 -14.06 -9.53 5.51
C ARG A 162 -13.45 -9.03 4.21
N SER A 163 -13.20 -9.93 3.26
CA SER A 163 -12.70 -9.49 1.96
C SER A 163 -13.71 -9.67 0.86
N ILE A 164 -14.49 -10.73 0.94
CA ILE A 164 -15.49 -11.01 -0.08
C ILE A 164 -16.53 -9.88 -0.16
N ALA A 165 -17.08 -9.47 0.98
CA ALA A 165 -18.26 -8.59 0.93
C ALA A 165 -17.97 -7.14 0.47
N PRO A 166 -16.93 -6.49 1.00
CA PRO A 166 -16.55 -5.19 0.42
C PRO A 166 -16.16 -5.28 -1.07
N ALA A 167 -15.40 -6.31 -1.43
CA ALA A 167 -15.02 -6.52 -2.82
C ALA A 167 -16.23 -6.47 -3.73
N ILE A 168 -17.20 -7.36 -3.45
CA ILE A 168 -18.40 -7.43 -4.25
C ILE A 168 -19.26 -6.16 -4.16
N ALA A 169 -19.34 -5.57 -2.97
CA ALA A 169 -20.08 -4.32 -2.78
C ALA A 169 -19.61 -3.22 -3.71
N LEU A 170 -18.30 -3.20 -3.97
CA LEU A 170 -17.69 -2.08 -4.68
C LEU A 170 -17.32 -2.44 -6.11
N GLY A 171 -18.05 -3.41 -6.65
CA GLY A 171 -17.99 -3.73 -8.06
C GLY A 171 -16.80 -4.55 -8.49
N ASN A 172 -16.12 -5.16 -7.54
CA ASN A 172 -15.01 -6.04 -7.87
C ASN A 172 -15.48 -7.48 -8.06
N SER A 173 -14.60 -8.31 -8.58
CA SER A 173 -14.79 -9.75 -8.59
C SER A 173 -13.72 -10.34 -7.71
N VAL A 174 -13.77 -11.65 -7.47
CA VAL A 174 -12.99 -12.26 -6.38
C VAL A 174 -12.65 -13.69 -6.73
N VAL A 175 -11.38 -14.02 -6.63
CA VAL A 175 -10.96 -15.39 -6.58
C VAL A 175 -10.47 -15.69 -5.17
N HIS A 176 -11.13 -16.65 -4.54
CA HIS A 176 -10.98 -16.89 -3.10
C HIS A 176 -10.53 -18.30 -2.80
N LYS A 177 -9.51 -18.41 -1.94
CA LYS A 177 -8.95 -19.70 -1.54
C LYS A 177 -8.87 -19.90 -0.02
N PRO A 178 -9.78 -20.72 0.55
CA PRO A 178 -9.71 -21.01 1.97
C PRO A 178 -8.70 -22.07 2.22
N ASP A 179 -8.35 -22.29 3.47
CA ASP A 179 -7.56 -23.44 3.79
C ASP A 179 -8.49 -24.61 3.48
N ILE A 180 -8.00 -25.56 2.70
CA ILE A 180 -8.80 -26.74 2.39
C ILE A 180 -9.43 -27.36 3.65
N GLN A 181 -8.68 -27.42 4.76
CA GLN A 181 -9.21 -28.04 5.98
C GLN A 181 -10.42 -27.31 6.56
N THR A 182 -10.64 -26.07 6.13
CA THR A 182 -11.85 -25.33 6.54
C THR A 182 -12.53 -24.73 5.30
N ALA A 183 -12.60 -25.49 4.21
CA ALA A 183 -13.14 -24.96 2.96
C ALA A 183 -14.65 -24.76 2.98
N ILE A 184 -15.35 -25.52 3.82
CA ILE A 184 -16.79 -25.42 3.86
C ILE A 184 -17.19 -24.11 4.51
N SER A 185 -16.63 -23.83 5.69
CA SER A 185 -16.97 -22.61 6.40
C SER A 185 -16.21 -21.43 5.87
N GLY A 186 -15.00 -21.67 5.36
CA GLY A 186 -14.21 -20.59 4.77
C GLY A 186 -14.48 -20.31 3.31
N GLY A 187 -15.28 -21.13 2.64
CA GLY A 187 -15.53 -20.93 1.20
C GLY A 187 -16.88 -21.35 0.66
N THR A 188 -17.21 -22.62 0.79
CA THR A 188 -18.36 -23.14 0.02
C THR A 188 -19.72 -22.60 0.48
N ILE A 189 -19.89 -22.47 1.80
CA ILE A 189 -21.11 -21.93 2.37
C ILE A 189 -21.32 -20.50 1.87
N ILE A 190 -20.23 -19.74 1.86
CA ILE A 190 -20.26 -18.36 1.38
C ILE A 190 -20.65 -18.34 -0.10
N ALA A 191 -20.01 -19.19 -0.90
CA ALA A 191 -20.41 -19.35 -2.31
C ALA A 191 -21.89 -19.71 -2.45
N LYS A 192 -22.35 -20.64 -1.64
CA LYS A 192 -23.78 -21.00 -1.69
C LYS A 192 -24.70 -19.79 -1.40
N ALA A 193 -24.28 -18.97 -0.44
CA ALA A 193 -25.04 -17.79 -0.06
C ALA A 193 -25.16 -16.80 -1.20
N PHE A 194 -24.07 -16.57 -1.93
CA PHE A 194 -24.09 -15.57 -2.97
C PHE A 194 -24.78 -16.08 -4.21
N GLU A 195 -24.68 -17.40 -4.41
CA GLU A 195 -25.40 -18.03 -5.49
C GLU A 195 -26.89 -17.89 -5.20
N HIS A 196 -27.29 -18.21 -3.98
CA HIS A 196 -28.69 -18.06 -3.58
C HIS A 196 -29.16 -16.66 -3.90
N ALA A 197 -28.24 -15.70 -3.83
CA ALA A 197 -28.57 -14.29 -3.95
C ALA A 197 -28.56 -13.76 -5.39
N GLY A 198 -28.42 -14.66 -6.36
CA GLY A 198 -28.39 -14.27 -7.77
C GLY A 198 -27.18 -13.43 -8.17
N LEU A 199 -26.06 -13.59 -7.46
CA LEU A 199 -24.81 -12.94 -7.88
C LEU A 199 -24.39 -13.56 -9.22
N PRO A 200 -24.14 -12.70 -10.23
CA PRO A 200 -23.70 -13.17 -11.56
C PRO A 200 -22.51 -14.15 -11.52
N ALA A 201 -22.53 -15.13 -12.43
CA ALA A 201 -21.46 -16.11 -12.57
C ALA A 201 -20.13 -15.40 -12.74
N GLY A 202 -19.10 -15.92 -12.07
CA GLY A 202 -17.76 -15.37 -12.21
C GLY A 202 -17.36 -14.26 -11.26
N VAL A 203 -18.33 -13.58 -10.63
CA VAL A 203 -17.98 -12.49 -9.69
C VAL A 203 -17.39 -13.01 -8.36
N LEU A 204 -17.85 -14.16 -7.88
CA LEU A 204 -17.24 -14.87 -6.75
C LEU A 204 -16.79 -16.28 -7.11
N ASN A 205 -15.48 -16.50 -7.08
CA ASN A 205 -14.95 -17.81 -7.35
C ASN A 205 -14.26 -18.37 -6.12
N VAL A 206 -14.64 -19.59 -5.72
CA VAL A 206 -14.06 -20.21 -4.54
C VAL A 206 -13.29 -21.48 -4.92
N MET A 207 -11.98 -21.44 -4.68
CA MET A 207 -11.06 -22.50 -5.05
C MET A 207 -10.79 -23.48 -3.92
N LEU A 208 -11.09 -24.74 -4.19
CA LEU A 208 -10.74 -25.81 -3.27
C LEU A 208 -9.49 -26.48 -3.79
N THR A 209 -8.39 -26.24 -3.13
CA THR A 209 -7.11 -26.67 -3.62
C THR A 209 -6.09 -26.58 -2.53
N ASP A 210 -4.82 -26.76 -2.88
CA ASP A 210 -3.77 -26.60 -1.89
C ASP A 210 -2.54 -26.05 -2.57
N VAL A 211 -1.58 -25.63 -1.77
CA VAL A 211 -0.39 -25.02 -2.33
C VAL A 211 0.41 -26.05 -3.15
N LYS A 212 0.30 -27.31 -2.76
CA LYS A 212 0.90 -28.39 -3.53
C LYS A 212 0.41 -28.35 -5.01
N GLU A 213 -0.85 -28.01 -5.23
CA GLU A 213 -1.33 -27.82 -6.60
C GLU A 213 -0.87 -26.48 -7.17
N ILE A 214 -0.92 -25.45 -6.37
CA ILE A 214 -1.04 -24.11 -6.89
C ILE A 214 0.19 -23.24 -6.72
N GLY A 215 1.14 -23.68 -5.91
CA GLY A 215 2.33 -22.89 -5.66
C GLY A 215 1.86 -21.49 -5.38
N ASP A 216 2.55 -20.50 -5.95
CA ASP A 216 2.27 -19.10 -5.66
C ASP A 216 1.14 -18.54 -6.55
N GLY A 217 0.50 -19.40 -7.36
CA GLY A 217 -0.67 -19.04 -8.19
C GLY A 217 -1.63 -17.93 -7.74
N MET A 218 -1.88 -17.79 -6.43
CA MET A 218 -2.74 -16.71 -5.94
C MET A 218 -2.01 -15.36 -5.95
N LEU A 219 -0.69 -15.40 -6.18
CA LEU A 219 0.18 -14.28 -5.94
C LEU A 219 0.75 -13.72 -7.22
N THR A 220 1.08 -14.60 -8.14
CA THR A 220 1.87 -14.31 -9.34
C THR A 220 1.01 -13.90 -10.55
N ASN A 221 -0.24 -14.33 -10.54
CA ASN A 221 -1.08 -14.09 -11.67
C ASN A 221 -1.11 -12.57 -11.87
N PRO A 222 -0.84 -12.10 -13.09
CA PRO A 222 -0.84 -10.65 -13.31
C PRO A 222 -2.21 -10.03 -13.08
N ILE A 223 -3.30 -10.80 -13.25
CA ILE A 223 -4.66 -10.25 -13.08
C ILE A 223 -5.00 -9.47 -11.78
N PRO A 224 -5.03 -10.14 -10.62
CA PRO A 224 -5.66 -9.48 -9.48
C PRO A 224 -4.92 -8.24 -9.05
N ARG A 225 -5.66 -7.22 -8.58
CA ARG A 225 -5.03 -5.96 -8.20
C ARG A 225 -4.87 -5.76 -6.69
N LEU A 226 -5.44 -6.67 -5.90
CA LEU A 226 -5.20 -6.73 -4.46
C LEU A 226 -5.08 -8.16 -4.00
N ILE A 227 -4.07 -8.42 -3.16
CA ILE A 227 -3.93 -9.66 -2.43
C ILE A 227 -4.37 -9.38 -1.01
N SER A 228 -5.34 -10.15 -0.56
CA SER A 228 -5.83 -10.11 0.81
C SER A 228 -5.38 -11.43 1.47
N PHE A 229 -4.65 -11.34 2.59
CA PHE A 229 -4.08 -12.51 3.26
C PHE A 229 -4.09 -12.38 4.79
N THR A 230 -4.43 -13.47 5.46
CA THR A 230 -4.25 -13.61 6.91
C THR A 230 -3.51 -14.95 7.19
N GLY A 231 -2.43 -14.89 7.99
CA GLY A 231 -1.50 -16.01 8.18
C GLY A 231 -0.15 -15.62 8.78
N SER A 232 0.87 -16.45 8.59
CA SER A 232 2.18 -16.21 9.27
C SER A 232 2.95 -15.07 8.64
N THR A 233 3.84 -14.47 9.41
CA THR A 233 4.74 -13.43 8.92
C THR A 233 5.62 -13.84 7.71
N ALA A 234 6.12 -15.07 7.71
CA ALA A 234 7.08 -15.52 6.70
C ALA A 234 6.43 -15.63 5.33
N VAL A 235 5.21 -16.14 5.30
CA VAL A 235 4.36 -16.12 4.11
C VAL A 235 4.02 -14.65 3.73
N GLY A 236 3.67 -13.83 4.73
CA GLY A 236 3.52 -12.39 4.53
C GLY A 236 4.69 -11.76 3.78
N ARG A 237 5.92 -12.00 4.23
CA ARG A 237 7.07 -11.41 3.57
C ARG A 237 7.15 -11.88 2.12
N HIS A 238 6.81 -13.15 1.90
CA HIS A 238 6.82 -13.76 0.58
C HIS A 238 5.77 -13.10 -0.30
N ILE A 239 4.60 -12.82 0.25
CA ILE A 239 3.59 -12.09 -0.49
C ILE A 239 4.05 -10.65 -0.75
N GLY A 240 4.57 -10.00 0.28
CA GLY A 240 5.01 -8.60 0.16
C GLY A 240 6.02 -8.37 -0.94
N GLU A 241 6.90 -9.34 -1.11
CA GLU A 241 7.93 -9.23 -2.13
C GLU A 241 7.31 -9.40 -3.51
N ILE A 242 6.45 -10.40 -3.67
CA ILE A 242 5.86 -10.69 -4.97
C ILE A 242 4.91 -9.58 -5.37
N ALA A 243 4.07 -9.16 -4.43
CA ALA A 243 3.08 -8.14 -4.70
C ALA A 243 3.74 -6.76 -4.82
N GLY A 244 4.77 -6.52 -4.01
CA GLY A 244 5.54 -5.29 -4.08
C GLY A 244 6.19 -5.11 -5.45
N ARG A 245 6.82 -6.18 -5.96
CA ARG A 245 7.47 -6.20 -7.28
CA ARG A 245 7.47 -6.14 -7.27
C ARG A 245 6.46 -5.90 -8.39
N ALA A 246 5.24 -6.41 -8.22
CA ALA A 246 4.20 -6.28 -9.24
C ALA A 246 3.26 -5.09 -8.98
N PHE A 247 3.52 -4.34 -7.91
CA PHE A 247 2.73 -3.17 -7.54
C PHE A 247 1.24 -3.49 -7.36
N LYS A 248 0.94 -4.64 -6.78
CA LYS A 248 -0.44 -4.93 -6.38
C LYS A 248 -0.64 -4.38 -4.95
N ARG A 249 -1.87 -3.99 -4.62
CA ARG A 249 -2.18 -3.60 -3.25
C ARG A 249 -2.18 -4.85 -2.35
N MET A 250 -2.07 -4.68 -1.05
CA MET A 250 -2.00 -5.82 -0.18
C MET A 250 -2.57 -5.57 1.21
N ALA A 251 -3.59 -6.34 1.56
CA ALA A 251 -4.19 -6.27 2.90
C ALA A 251 -3.73 -7.50 3.64
N LEU A 252 -2.61 -7.37 4.32
CA LEU A 252 -2.00 -8.45 5.04
C LEU A 252 -2.35 -8.37 6.52
N GLU A 253 -2.70 -9.51 7.11
CA GLU A 253 -2.86 -9.59 8.57
C GLU A 253 -2.00 -10.74 9.10
N LEU A 254 -1.10 -10.41 10.00
CA LEU A 254 -0.01 -11.34 10.33
C LEU A 254 0.14 -11.55 11.83
N GLY A 255 0.48 -12.77 12.21
CA GLY A 255 0.61 -13.08 13.63
C GLY A 255 1.68 -12.21 14.24
N GLY A 256 1.35 -11.41 15.25
CA GLY A 256 0.04 -11.39 15.89
C GLY A 256 0.14 -11.54 17.41
N ASN A 257 1.08 -10.79 18.01
CA ASN A 257 1.36 -10.85 19.46
C ASN A 257 0.65 -9.74 20.24
N ASN A 258 -0.67 -9.88 20.44
CA ASN A 258 -1.48 -8.83 21.09
C ASN A 258 -1.35 -8.74 22.61
N PRO A 259 -0.91 -7.58 23.10
CA PRO A 259 -0.74 -7.43 24.53
C PRO A 259 -2.05 -7.04 25.20
N PHE A 260 -2.24 -7.56 26.40
CA PHE A 260 -3.34 -7.23 27.27
C PHE A 260 -2.62 -6.60 28.46
N ALA A 261 -2.78 -5.29 28.62
CA ALA A 261 -2.18 -4.61 29.77
C ALA A 261 -3.20 -4.27 30.83
N VAL A 262 -2.87 -4.59 32.08
CA VAL A 262 -3.75 -4.43 33.24
C VAL A 262 -3.05 -3.54 34.25
N LEU A 263 -3.45 -2.26 34.26
CA LEU A 263 -2.72 -1.24 34.99
C LEU A 263 -3.13 -1.21 36.47
N SER A 264 -2.35 -0.48 37.27
CA SER A 264 -2.54 -0.44 38.73
C SER A 264 -3.95 -0.07 39.18
N ASP A 265 -4.58 0.90 38.53
CA ASP A 265 -5.92 1.32 38.93
C ASP A 265 -7.07 0.44 38.38
N ALA A 266 -6.76 -0.46 37.44
CA ALA A 266 -7.78 -1.31 36.82
C ALA A 266 -8.72 -2.02 37.78
N ASP A 267 -9.95 -2.25 37.33
CA ASP A 267 -10.85 -3.15 38.01
C ASP A 267 -10.37 -4.55 37.66
N VAL A 268 -9.85 -5.28 38.64
CA VAL A 268 -9.27 -6.60 38.40
C VAL A 268 -10.33 -7.58 37.87
N ASP A 269 -11.46 -7.65 38.57
CA ASP A 269 -12.54 -8.57 38.23
C ASP A 269 -13.02 -8.45 36.78
N ARG A 270 -13.25 -7.22 36.33
CA ARG A 270 -13.53 -6.93 34.93
C ARG A 270 -12.40 -7.48 34.04
N ALA A 271 -11.15 -7.25 34.45
CA ALA A 271 -9.95 -7.61 33.67
C ALA A 271 -9.69 -9.11 33.57
N VAL A 272 -9.84 -9.82 34.69
CA VAL A 272 -9.80 -11.28 34.64
C VAL A 272 -10.85 -11.80 33.66
N ASP A 273 -12.10 -11.37 33.87
CA ASP A 273 -13.23 -11.76 33.02
C ASP A 273 -12.97 -11.50 31.53
N ALA A 274 -12.63 -10.25 31.20
CA ALA A 274 -12.35 -9.88 29.82
C ALA A 274 -11.17 -10.67 29.24
N ALA A 275 -10.20 -11.07 30.07
CA ALA A 275 -9.08 -11.91 29.63
C ALA A 275 -9.49 -13.37 29.35
N ILE A 276 -10.49 -13.86 30.07
CA ILE A 276 -11.02 -15.20 29.81
C ILE A 276 -11.79 -15.27 28.49
N PHE A 277 -12.74 -14.35 28.29
CA PHE A 277 -13.55 -14.27 27.07
C PHE A 277 -12.66 -14.19 25.85
N GLY A 278 -11.71 -13.25 25.86
CA GLY A 278 -10.75 -13.07 24.77
C GLY A 278 -9.88 -14.28 24.51
N LYS A 279 -9.25 -14.82 25.56
CA LYS A 279 -8.32 -15.93 25.38
C LYS A 279 -8.94 -17.32 25.15
N PHE A 280 -10.10 -17.59 25.75
CA PHE A 280 -10.67 -18.94 25.74
C PHE A 280 -12.01 -19.11 25.06
N ILE A 281 -12.94 -18.19 25.30
CA ILE A 281 -14.29 -18.27 24.72
C ILE A 281 -14.38 -17.72 23.29
N HIS A 282 -13.94 -16.46 23.08
CA HIS A 282 -13.88 -15.80 21.77
C HIS A 282 -12.88 -16.52 20.90
N GLN A 283 -11.76 -16.94 21.48
CA GLN A 283 -10.82 -17.86 20.83
C GLN A 283 -10.78 -19.23 21.55
N MET A 288 -7.26 -10.49 17.37
CA MET A 288 -7.63 -10.11 18.73
C MET A 288 -7.07 -11.11 19.77
N ILE A 289 -6.15 -11.96 19.30
CA ILE A 289 -5.58 -13.06 20.08
C ILE A 289 -4.65 -12.57 21.20
N ILE A 290 -5.05 -12.83 22.42
CA ILE A 290 -4.28 -12.43 23.58
C ILE A 290 -3.19 -13.46 23.82
N ASN A 291 -1.95 -13.05 23.59
CA ASN A 291 -0.81 -13.95 23.66
C ASN A 291 -0.18 -13.89 25.03
N ARG A 292 0.11 -12.67 25.45
CA ARG A 292 0.69 -12.41 26.73
C ARG A 292 -0.10 -11.33 27.46
N ILE A 293 -0.15 -11.47 28.78
CA ILE A 293 -0.96 -10.65 29.64
C ILE A 293 0.00 -9.97 30.59
N ILE A 294 -0.04 -8.64 30.59
CA ILE A 294 0.89 -7.83 31.35
C ILE A 294 0.09 -7.19 32.46
N VAL A 295 0.53 -7.40 33.69
CA VAL A 295 -0.21 -6.97 34.86
C VAL A 295 0.73 -6.25 35.84
N HIS A 296 0.36 -5.00 36.16
CA HIS A 296 1.05 -4.18 37.19
C HIS A 296 1.22 -4.91 38.48
N GLN A 297 2.29 -4.57 39.20
CA GLN A 297 2.70 -5.26 40.43
C GLN A 297 1.68 -5.33 41.59
N ASP A 298 1.07 -4.19 41.97
CA ASP A 298 0.21 -4.13 43.16
C ASP A 298 -1.10 -4.92 43.01
N VAL A 299 -1.36 -5.45 41.81
CA VAL A 299 -2.63 -6.10 41.52
C VAL A 299 -2.39 -7.46 40.83
N TYR A 300 -1.11 -7.73 40.61
CA TYR A 300 -0.61 -8.98 40.04
C TYR A 300 -1.13 -10.24 40.72
N ASP A 301 -0.83 -10.38 42.01
CA ASP A 301 -1.16 -11.60 42.74
C ASP A 301 -2.66 -11.86 42.81
N GLU A 302 -3.44 -10.78 42.94
CA GLU A 302 -4.91 -10.86 42.86
C GLU A 302 -5.40 -11.34 41.50
N PHE A 303 -4.81 -10.81 40.42
CA PHE A 303 -5.19 -11.20 39.06
C PHE A 303 -4.87 -12.67 38.80
N VAL A 304 -3.68 -13.14 39.24
CA VAL A 304 -3.26 -14.51 38.97
C VAL A 304 -4.23 -15.49 39.60
N GLU A 305 -4.42 -15.37 40.92
CA GLU A 305 -5.32 -16.24 41.66
C GLU A 305 -6.69 -16.36 40.99
N LYS A 306 -7.29 -15.21 40.69
CA LYS A 306 -8.60 -15.16 40.04
C LYS A 306 -8.60 -15.75 38.64
N PHE A 307 -7.60 -15.39 37.83
CA PHE A 307 -7.48 -15.86 36.46
C PHE A 307 -7.21 -17.37 36.43
N THR A 308 -6.33 -17.84 37.33
CA THR A 308 -6.03 -19.27 37.45
C THR A 308 -7.24 -20.09 37.89
N ALA A 309 -7.87 -19.68 38.98
CA ALA A 309 -9.04 -20.40 39.48
C ALA A 309 -10.09 -20.52 38.37
N ARG A 310 -10.34 -19.42 37.65
CA ARG A 310 -11.42 -19.35 36.67
C ARG A 310 -11.15 -20.24 35.45
N VAL A 311 -9.88 -20.24 35.01
CA VAL A 311 -9.40 -21.04 33.87
C VAL A 311 -9.55 -22.53 34.16
N LYS A 312 -9.25 -22.91 35.40
CA LYS A 312 -9.33 -24.30 35.86
C LYS A 312 -10.73 -24.93 35.74
N GLN A 313 -11.76 -24.09 35.71
CA GLN A 313 -13.16 -24.53 35.66
C GLN A 313 -13.61 -24.87 34.26
N LEU A 314 -13.09 -24.11 33.29
CA LEU A 314 -13.59 -24.13 31.92
C LEU A 314 -13.82 -25.55 31.38
N PRO A 315 -15.02 -25.81 30.85
CA PRO A 315 -15.37 -27.08 30.20
C PRO A 315 -14.56 -27.39 28.94
N TYR A 316 -13.98 -28.59 28.89
CA TYR A 316 -13.24 -29.00 27.71
C TYR A 316 -13.84 -30.28 27.10
N GLY A 317 -13.70 -30.44 25.78
CA GLY A 317 -14.14 -31.68 25.14
C GLY A 317 -14.77 -31.53 23.77
N ASP A 318 -15.94 -32.12 23.58
CA ASP A 318 -16.62 -32.09 22.30
C ASP A 318 -17.17 -30.70 22.06
N GLN A 319 -16.74 -30.11 20.96
CA GLN A 319 -17.01 -28.71 20.64
C GLN A 319 -18.41 -28.51 20.06
N THR A 320 -18.99 -29.59 19.56
CA THR A 320 -20.37 -29.56 19.10
C THR A 320 -21.35 -29.49 20.28
N ASP A 321 -20.86 -29.74 21.49
CA ASP A 321 -21.63 -29.55 22.72
C ASP A 321 -21.71 -28.06 23.06
N PRO A 322 -22.94 -27.51 23.21
CA PRO A 322 -23.14 -26.05 23.40
C PRO A 322 -22.61 -25.46 24.72
N LYS A 323 -22.06 -26.30 25.60
CA LYS A 323 -21.45 -25.81 26.85
C LYS A 323 -19.94 -26.11 26.96
N THR A 324 -19.31 -26.44 25.84
CA THR A 324 -17.86 -26.65 25.81
C THR A 324 -17.14 -25.36 25.47
N VAL A 325 -16.03 -25.13 26.15
CA VAL A 325 -15.34 -23.86 26.03
C VAL A 325 -14.03 -24.12 25.30
N VAL A 326 -13.36 -25.18 25.70
CA VAL A 326 -12.10 -25.55 25.10
C VAL A 326 -12.31 -26.83 24.29
N GLY A 327 -12.31 -26.68 22.97
CA GLY A 327 -12.40 -27.81 22.06
C GLY A 327 -11.02 -28.14 21.51
N PRO A 328 -10.99 -28.92 20.42
CA PRO A 328 -9.75 -29.49 19.94
C PRO A 328 -8.95 -28.46 19.21
N LEU A 329 -7.64 -28.68 19.09
CA LEU A 329 -6.87 -27.83 18.17
C LEU A 329 -7.09 -28.30 16.73
N ILE A 330 -6.88 -27.40 15.77
CA ILE A 330 -7.20 -27.65 14.37
C ILE A 330 -6.65 -28.96 13.79
N ASN A 331 -5.43 -29.34 14.17
CA ASN A 331 -4.82 -30.59 13.73
C ASN A 331 -3.69 -31.03 14.67
N GLU A 332 -3.06 -32.16 14.34
CA GLU A 332 -1.99 -32.75 15.14
C GLU A 332 -0.69 -31.96 15.13
N ARG A 333 -0.37 -31.30 14.01
CA ARG A 333 0.84 -30.50 13.94
C ARG A 333 0.79 -29.32 14.92
N GLN A 334 -0.42 -28.80 15.17
CA GLN A 334 -0.62 -27.70 16.14
C GLN A 334 -0.37 -28.16 17.56
N ILE A 335 -0.82 -29.37 17.90
CA ILE A 335 -0.59 -29.90 19.23
C ILE A 335 0.91 -30.10 19.50
N GLU A 336 1.61 -30.79 18.61
CA GLU A 336 3.05 -31.04 18.77
C GLU A 336 3.78 -29.70 18.93
N LYS A 337 3.37 -28.71 18.13
CA LYS A 337 3.93 -27.36 18.18
C LYS A 337 3.68 -26.69 19.51
N ALA A 338 2.49 -26.90 20.06
CA ALA A 338 2.13 -26.33 21.35
C ALA A 338 2.94 -26.97 22.45
N LEU A 339 2.92 -28.30 22.48
CA LEU A 339 3.60 -29.06 23.50
C LEU A 339 5.10 -28.79 23.51
N GLU A 340 5.74 -28.72 22.35
CA GLU A 340 7.17 -28.45 22.28
C GLU A 340 7.49 -27.06 22.86
N ILE A 341 6.61 -26.10 22.61
CA ILE A 341 6.71 -24.75 23.20
C ILE A 341 6.59 -24.80 24.72
N ILE A 342 5.72 -25.67 25.21
CA ILE A 342 5.47 -25.81 26.63
C ILE A 342 6.70 -26.42 27.30
N GLU A 343 7.34 -27.35 26.60
CA GLU A 343 8.58 -27.96 27.08
C GLU A 343 9.70 -26.92 27.15
N GLN A 344 9.75 -26.06 26.12
CA GLN A 344 10.68 -24.96 26.06
C GLN A 344 10.63 -24.09 27.32
N ALA A 345 9.43 -23.68 27.73
CA ALA A 345 9.24 -22.80 28.90
C ALA A 345 9.53 -23.51 30.20
N LYS A 346 9.28 -24.81 30.21
CA LYS A 346 9.55 -25.63 31.38
C LYS A 346 11.05 -25.72 31.64
N THR A 347 11.82 -26.18 30.65
CA THR A 347 13.29 -26.24 30.77
C THR A 347 13.89 -24.85 31.04
N ASP A 348 13.22 -23.82 30.52
CA ASP A 348 13.61 -22.42 30.69
C ASP A 348 13.44 -21.85 32.10
N GLY A 349 12.74 -22.58 32.96
CA GLY A 349 12.52 -22.16 34.36
C GLY A 349 11.16 -21.60 34.70
N ILE A 350 10.43 -21.09 33.71
CA ILE A 350 9.17 -20.38 33.95
C ILE A 350 8.14 -21.21 34.72
N GLU A 351 7.58 -20.64 35.78
CA GLU A 351 6.57 -21.32 36.58
C GLU A 351 5.32 -21.63 35.74
N LEU A 352 4.63 -22.69 36.12
CA LEU A 352 3.38 -23.05 35.50
C LEU A 352 2.36 -23.11 36.62
N ALA A 353 1.57 -22.05 36.74
CA ALA A 353 0.52 -21.99 37.76
C ALA A 353 -0.57 -23.02 37.49
N VAL A 354 -1.01 -23.09 36.22
CA VAL A 354 -2.01 -24.07 35.81
C VAL A 354 -1.43 -24.99 34.73
N GLU A 355 -1.39 -26.28 35.03
CA GLU A 355 -0.87 -27.27 34.09
C GLU A 355 -1.98 -28.00 33.35
N GLY A 356 -2.03 -27.81 32.04
CA GLY A 356 -3.00 -28.53 31.21
C GLY A 356 -2.47 -29.91 30.83
N LYS A 357 -3.17 -30.57 29.90
CA LYS A 357 -2.83 -31.93 29.46
C LYS A 357 -3.46 -32.19 28.10
N ARG A 358 -3.13 -33.34 27.49
CA ARG A 358 -3.64 -33.70 26.17
C ARG A 358 -4.66 -34.81 26.27
N VAL A 359 -5.92 -34.50 25.95
CA VAL A 359 -6.97 -35.50 25.86
C VAL A 359 -7.39 -35.64 24.40
N GLY A 360 -6.93 -36.70 23.75
CA GLY A 360 -7.17 -36.87 22.33
C GLY A 360 -6.47 -35.72 21.63
N ASN A 361 -7.24 -34.92 20.88
CA ASN A 361 -6.67 -33.79 20.18
C ASN A 361 -7.00 -32.42 20.83
N VAL A 362 -7.55 -32.50 22.05
CA VAL A 362 -7.81 -31.33 22.88
C VAL A 362 -6.63 -31.10 23.80
N LEU A 363 -6.10 -29.89 23.84
CA LEU A 363 -5.29 -29.56 25.01
C LEU A 363 -5.95 -28.53 25.93
N THR A 364 -5.92 -28.86 27.21
CA THR A 364 -6.58 -28.11 28.27
C THR A 364 -5.67 -26.97 28.60
N PRO A 365 -6.24 -25.85 29.07
CA PRO A 365 -5.48 -24.60 29.24
C PRO A 365 -4.19 -24.76 30.05
N TYR A 366 -3.13 -24.06 29.63
CA TYR A 366 -1.91 -23.90 30.42
C TYR A 366 -1.72 -22.43 30.74
N VAL A 367 -1.38 -22.13 32.00
CA VAL A 367 -1.07 -20.77 32.37
C VAL A 367 0.34 -20.71 32.97
N PHE A 368 1.22 -19.99 32.27
CA PHE A 368 2.56 -19.69 32.75
C PHE A 368 2.53 -18.31 33.43
N VAL A 369 3.23 -18.18 34.55
CA VAL A 369 3.23 -16.94 35.30
C VAL A 369 4.64 -16.45 35.55
N GLY A 370 4.74 -15.14 35.82
CA GLY A 370 6.00 -14.50 36.15
C GLY A 370 7.04 -14.59 35.06
N ALA A 371 6.57 -14.60 33.81
CA ALA A 371 7.45 -14.67 32.65
C ALA A 371 8.10 -13.34 32.28
N ASP A 372 9.30 -13.42 31.74
CA ASP A 372 9.93 -12.26 31.08
C ASP A 372 9.16 -11.90 29.82
N ASN A 373 9.07 -10.62 29.51
CA ASN A 373 8.40 -10.16 28.30
C ASN A 373 9.25 -10.52 27.08
N ASN A 374 10.53 -10.72 27.32
CA ASN A 374 11.48 -11.10 26.28
C ASN A 374 11.72 -12.62 26.28
N SER A 375 10.65 -13.37 26.51
CA SER A 375 10.71 -14.82 26.64
C SER A 375 10.23 -15.49 25.39
N LYS A 376 10.62 -16.76 25.22
CA LYS A 376 10.16 -17.55 24.09
C LYS A 376 8.63 -17.69 24.10
N ILE A 377 8.07 -18.12 25.22
CA ILE A 377 6.61 -18.30 25.33
C ILE A 377 5.84 -16.98 25.24
N ALA A 378 6.46 -15.88 25.67
CA ALA A 378 5.85 -14.55 25.58
C ALA A 378 5.84 -14.04 24.13
N GLN A 379 6.96 -14.17 23.43
CA GLN A 379 7.12 -13.60 22.09
C GLN A 379 6.51 -14.42 20.93
N THR A 380 6.05 -15.61 21.24
CA THR A 380 5.61 -16.54 20.22
C THR A 380 4.12 -16.57 19.96
N GLU A 381 3.75 -16.48 18.67
CA GLU A 381 2.39 -16.70 18.23
C GLU A 381 2.07 -18.16 18.40
N LEU A 382 0.90 -18.49 18.90
CA LEU A 382 0.55 -19.88 19.08
C LEU A 382 -0.82 -20.27 18.61
N PHE A 383 -1.81 -19.52 19.03
CA PHE A 383 -3.13 -20.01 18.86
C PHE A 383 -3.29 -21.39 19.46
N ALA A 384 -2.99 -21.48 20.74
CA ALA A 384 -3.26 -22.63 21.58
C ALA A 384 -3.78 -22.08 22.88
N PRO A 385 -4.50 -22.87 23.68
CA PRO A 385 -4.95 -22.32 24.97
C PRO A 385 -3.81 -22.21 25.98
N ILE A 386 -2.83 -21.37 25.66
CA ILE A 386 -1.70 -21.09 26.54
C ILE A 386 -1.69 -19.60 26.83
N ALA A 387 -1.68 -19.28 28.13
CA ALA A 387 -1.62 -17.89 28.58
C ALA A 387 -0.28 -17.65 29.27
N THR A 388 0.22 -16.43 29.15
CA THR A 388 1.49 -16.04 29.77
C THR A 388 1.30 -14.69 30.50
N ILE A 389 1.59 -14.69 31.79
CA ILE A 389 1.38 -13.50 32.61
C ILE A 389 2.74 -12.92 32.96
N ILE A 390 2.85 -11.61 32.72
CA ILE A 390 4.09 -10.88 32.90
C ILE A 390 3.91 -9.77 33.94
N LYS A 391 4.88 -9.69 34.86
CA LYS A 391 4.93 -8.68 35.90
C LYS A 391 5.48 -7.36 35.35
N ALA A 392 4.79 -6.26 35.67
CA ALA A 392 5.28 -4.90 35.41
C ALA A 392 5.43 -4.12 36.73
N GLY A 393 6.55 -3.41 36.88
CA GLY A 393 6.81 -2.56 38.06
C GLY A 393 6.27 -1.13 37.96
N SER A 394 5.78 -0.73 36.79
CA SER A 394 5.09 0.55 36.61
C SER A 394 4.05 0.47 35.48
N ASP A 395 3.23 1.51 35.34
CA ASP A 395 2.25 1.57 34.24
C ASP A 395 2.92 1.92 32.92
N GLN A 396 3.94 2.78 32.98
CA GLN A 396 4.78 3.07 31.82
C GLN A 396 5.53 1.83 31.27
N GLU A 397 6.16 1.05 32.16
CA GLU A 397 6.79 -0.23 31.77
C GLU A 397 5.78 -1.19 31.13
N ALA A 398 4.63 -1.35 31.78
CA ALA A 398 3.52 -2.14 31.23
C ALA A 398 3.27 -1.80 29.76
N ILE A 399 3.14 -0.51 29.47
CA ILE A 399 2.92 -0.01 28.13
C ILE A 399 4.18 -0.18 27.28
N ASP A 400 5.36 0.06 27.87
CA ASP A 400 6.62 -0.27 27.19
C ASP A 400 6.69 -1.75 26.78
N MET A 401 6.44 -2.64 27.73
CA MET A 401 6.43 -4.10 27.48
C MET A 401 5.44 -4.52 26.38
N ALA A 402 4.32 -3.80 26.29
CA ALA A 402 3.30 -4.05 25.26
C ALA A 402 3.79 -3.67 23.87
N ASN A 403 4.53 -2.58 23.81
CA ASN A 403 5.15 -2.09 22.60
C ASN A 403 6.21 -3.03 22.05
N ASP A 404 6.97 -3.64 22.93
CA ASP A 404 8.17 -4.34 22.51
C ASP A 404 7.80 -5.70 21.96
N THR A 405 7.33 -5.69 20.73
CA THR A 405 6.92 -6.88 20.01
C THR A 405 7.37 -6.77 18.57
N GLU A 406 7.48 -7.91 17.89
CA GLU A 406 7.85 -7.91 16.48
C GLU A 406 6.93 -6.91 15.75
N TYR A 407 5.62 -7.14 15.81
CA TYR A 407 4.62 -6.16 15.36
C TYR A 407 3.40 -6.19 16.29
N GLY A 408 2.66 -5.09 16.29
CA GLY A 408 1.42 -5.01 17.05
C GLY A 408 0.27 -4.60 16.13
N LEU A 409 -0.76 -5.43 16.09
CA LEU A 409 -1.97 -5.11 15.34
C LEU A 409 -3.04 -4.50 16.25
N SER A 410 -3.36 -5.20 17.33
CA SER A 410 -4.34 -4.76 18.31
C SER A 410 -3.78 -4.86 19.72
N SER A 411 -4.26 -3.98 20.60
CA SER A 411 -3.89 -4.03 22.01
C SER A 411 -5.09 -3.70 22.90
N ALA A 412 -4.98 -4.10 24.17
CA ALA A 412 -6.03 -3.80 25.17
C ALA A 412 -5.40 -3.28 26.46
N VAL A 413 -5.97 -2.20 26.98
CA VAL A 413 -5.49 -1.61 28.23
C VAL A 413 -6.64 -1.48 29.22
N PHE A 414 -6.34 -1.84 30.48
CA PHE A 414 -7.34 -1.80 31.55
C PHE A 414 -6.91 -0.87 32.67
N THR A 415 -7.67 0.19 32.81
CA THR A 415 -7.40 1.21 33.78
C THR A 415 -8.70 1.84 34.21
N SER A 416 -8.73 2.28 35.46
CA SER A 416 -9.84 3.02 36.02
C SER A 416 -9.92 4.43 35.46
N ASP A 417 -8.76 4.97 35.13
CA ASP A 417 -8.62 6.33 34.59
C ASP A 417 -8.76 6.33 33.06
N LEU A 418 -9.92 6.77 32.57
CA LEU A 418 -10.23 6.75 31.12
C LEU A 418 -9.42 7.77 30.30
N GLU A 419 -9.05 8.90 30.92
CA GLU A 419 -8.10 9.83 30.31
C GLU A 419 -6.73 9.18 30.17
N LYS A 420 -6.28 8.51 31.25
CA LYS A 420 -4.98 7.82 31.31
C LYS A 420 -4.88 6.67 30.33
N GLY A 421 -5.98 5.94 30.16
CA GLY A 421 -6.03 4.85 29.18
C GLY A 421 -5.94 5.33 27.74
N GLU A 422 -6.56 6.47 27.44
CA GLU A 422 -6.55 7.01 26.11
C GLU A 422 -5.16 7.53 25.76
N LYS A 423 -4.46 8.06 26.76
CA LYS A 423 -3.16 8.67 26.49
C LYS A 423 -2.07 7.62 26.39
N PHE A 424 -2.24 6.52 27.11
CA PHE A 424 -1.35 5.37 27.00
C PHE A 424 -1.64 4.62 25.71
N ALA A 425 -2.94 4.52 25.37
CA ALA A 425 -3.39 3.93 24.12
C ALA A 425 -2.68 4.63 22.96
N LEU A 426 -2.52 5.94 23.08
CA LEU A 426 -1.82 6.73 22.09
C LEU A 426 -0.31 6.48 22.03
N GLN A 427 0.19 5.67 22.94
CA GLN A 427 1.63 5.44 23.08
C GLN A 427 2.04 4.06 22.60
N ILE A 428 1.06 3.31 22.14
CA ILE A 428 1.26 1.95 21.63
C ILE A 428 1.22 1.94 20.10
N ASP A 429 2.31 1.44 19.50
CA ASP A 429 2.37 1.21 18.05
C ASP A 429 1.52 0.00 17.71
N SER A 430 0.29 0.30 17.36
CA SER A 430 -0.74 -0.69 17.10
C SER A 430 -1.86 0.10 16.44
N GLY A 431 -2.55 -0.53 15.51
CA GLY A 431 -3.64 0.17 14.82
C GLY A 431 -4.77 0.44 15.79
N MET A 432 -5.14 -0.59 16.56
CA MET A 432 -6.28 -0.48 17.47
C MET A 432 -5.90 -0.72 18.94
N THR A 433 -6.31 0.18 19.82
CA THR A 433 -6.34 -0.12 21.25
C THR A 433 -7.74 0.02 21.82
N HIS A 434 -8.16 -0.95 22.62
CA HIS A 434 -9.39 -0.83 23.37
C HIS A 434 -9.06 -0.51 24.78
N VAL A 435 -9.87 0.32 25.41
CA VAL A 435 -9.71 0.53 26.83
C VAL A 435 -10.83 -0.18 27.55
N ASN A 436 -10.46 -1.10 28.43
CA ASN A 436 -11.45 -1.85 29.16
C ASN A 436 -12.47 -2.60 28.32
N ASP A 437 -12.03 -3.31 27.29
CA ASP A 437 -12.92 -4.21 26.53
C ASP A 437 -12.23 -5.36 25.79
N GLN A 438 -13.01 -6.28 25.27
CA GLN A 438 -12.48 -7.39 24.51
C GLN A 438 -11.44 -8.09 25.35
N ASN A 461 -17.24 1.46 6.72
CA ASN A 461 -16.01 2.01 7.28
C ASN A 461 -15.14 2.59 6.16
N PRO A 462 -14.93 3.93 6.15
CA PRO A 462 -14.33 4.60 4.98
C PRO A 462 -12.93 4.09 4.61
N TRP A 463 -12.21 3.51 5.57
CA TRP A 463 -10.89 2.92 5.31
C TRP A 463 -10.95 1.73 4.37
N VAL A 464 -12.09 1.03 4.39
CA VAL A 464 -12.29 -0.17 3.58
C VAL A 464 -12.66 0.18 2.13
N VAL A 465 -13.51 1.18 1.96
CA VAL A 465 -13.91 1.68 0.63
C VAL A 465 -12.69 2.07 -0.19
N GLU A 466 -11.75 2.81 0.41
CA GLU A 466 -10.50 3.16 -0.26
C GLU A 466 -9.70 1.91 -0.67
N GLU A 467 -9.77 0.85 0.15
CA GLU A 467 -8.95 -0.35 -0.09
C GLU A 467 -9.41 -1.11 -1.31
N PHE A 468 -10.72 -1.12 -1.52
CA PHE A 468 -11.32 -1.92 -2.60
C PHE A 468 -11.79 -1.09 -3.78
N THR A 469 -11.46 0.20 -3.75
CA THR A 469 -11.76 1.06 -4.91
C THR A 469 -10.55 1.82 -5.34
N VAL A 470 -10.57 2.27 -6.59
CA VAL A 470 -9.56 3.20 -7.08
C VAL A 470 -10.10 4.64 -7.24
N THR A 471 -9.21 5.59 -7.03
CA THR A 471 -9.55 6.99 -7.22
C THR A 471 -9.16 7.38 -8.63
N LYS A 472 -10.14 7.75 -9.44
CA LYS A 472 -9.85 8.19 -10.80
C LYS A 472 -10.04 9.70 -10.95
N TRP A 473 -9.01 10.35 -11.50
CA TRP A 473 -8.99 11.79 -11.66
C TRP A 473 -9.02 12.18 -13.12
N ILE A 474 -9.93 13.08 -13.47
CA ILE A 474 -10.05 13.56 -14.83
C ILE A 474 -10.08 15.08 -14.87
N SER A 475 -9.20 15.69 -15.66
CA SER A 475 -9.24 17.13 -15.95
C SER A 475 -9.83 17.39 -17.32
N ILE A 476 -10.87 18.22 -17.38
CA ILE A 476 -11.42 18.68 -18.67
C ILE A 476 -11.14 20.17 -18.90
N GLN A 477 -10.95 20.54 -20.17
CA GLN A 477 -10.59 21.89 -20.56
C GLN A 477 -11.62 22.44 -21.53
N LYS A 478 -12.05 23.69 -21.29
CA LYS A 478 -12.88 24.45 -22.23
C LYS A 478 -12.04 25.46 -23.01
N MET B 1 23.61 32.99 -3.36
CA MET B 1 23.85 32.96 -4.78
C MET B 1 25.17 32.28 -5.09
N SER B 2 25.68 31.50 -4.13
CA SER B 2 26.91 30.74 -4.35
C SER B 2 26.64 29.31 -3.95
N PHE B 3 25.68 28.72 -4.63
CA PHE B 3 25.17 27.40 -4.32
C PHE B 3 26.21 26.34 -4.54
N GLU B 4 27.20 26.61 -5.36
CA GLU B 4 28.21 25.64 -5.66
C GLU B 4 28.89 25.26 -4.37
N THR B 5 28.83 26.16 -3.41
CA THR B 5 29.39 25.89 -2.09
C THR B 5 28.68 24.76 -1.40
N LEU B 6 27.43 24.55 -1.76
CA LEU B 6 26.58 23.61 -1.06
C LEU B 6 26.79 22.23 -1.57
N ASN B 7 27.93 21.67 -1.25
CA ASN B 7 28.30 20.37 -1.76
C ASN B 7 28.47 19.32 -0.68
N LYS B 8 27.77 19.43 0.43
CA LYS B 8 27.95 18.46 1.48
C LYS B 8 26.63 17.92 1.95
N SER B 9 26.64 16.72 2.52
CA SER B 9 25.46 16.20 3.21
C SER B 9 25.04 17.13 4.36
N PHE B 10 23.75 17.14 4.66
CA PHE B 10 23.22 17.92 5.75
C PHE B 10 22.65 16.91 6.74
N ILE B 11 23.36 16.72 7.83
CA ILE B 11 22.94 15.81 8.85
C ILE B 11 22.93 16.46 10.21
N ASN B 12 21.82 16.35 10.91
CA ASN B 12 21.69 16.96 12.22
C ASN B 12 21.89 18.45 12.23
N GLY B 13 21.32 19.14 11.28
CA GLY B 13 21.36 20.59 11.27
C GLY B 13 22.75 21.10 11.10
N LYS B 14 23.57 20.30 10.44
CA LYS B 14 25.01 20.56 10.26
C LYS B 14 25.53 20.01 8.93
N TRP B 15 26.31 20.81 8.21
CA TRP B 15 26.93 20.38 6.97
C TRP B 15 28.09 19.47 7.23
N THR B 16 28.01 18.27 6.66
CA THR B 16 28.94 17.20 6.98
C THR B 16 29.60 16.68 5.73
N GLY B 17 30.94 16.56 5.79
CA GLY B 17 31.70 15.92 4.72
C GLY B 17 31.44 14.43 4.70
N GLY B 18 31.55 13.83 3.52
CA GLY B 18 31.51 12.39 3.39
C GLY B 18 32.84 11.86 3.86
N GLU B 19 32.81 10.81 4.67
CA GLU B 19 34.05 10.22 5.14
C GLU B 19 34.41 8.93 4.38
N SER B 20 34.05 8.89 3.11
CA SER B 20 34.25 7.69 2.30
C SER B 20 35.55 7.74 1.52
N GLY B 21 36.22 8.90 1.55
CA GLY B 21 37.36 9.14 0.67
C GLY B 21 37.06 9.24 -0.82
N ARG B 22 35.80 9.17 -1.23
CA ARG B 22 35.50 9.32 -2.65
C ARG B 22 34.79 10.64 -3.00
N THR B 23 34.78 10.99 -4.27
CA THR B 23 34.15 12.22 -4.64
C THR B 23 33.38 12.04 -5.90
N GLU B 24 32.40 12.89 -6.11
CA GLU B 24 31.74 12.98 -7.37
C GLU B 24 31.80 14.40 -7.84
N ASP B 25 32.23 14.58 -9.07
CA ASP B 25 32.23 15.87 -9.65
C ASP B 25 30.87 16.01 -10.27
N ILE B 26 30.17 17.07 -9.95
CA ILE B 26 28.84 17.24 -10.47
C ILE B 26 28.90 18.19 -11.62
N LEU B 27 28.41 17.74 -12.77
CA LEU B 27 28.71 18.38 -14.05
C LEU B 27 27.55 19.23 -14.60
N ASN B 28 27.87 20.27 -15.36
CA ASN B 28 26.87 20.79 -16.23
C ASN B 28 26.79 19.82 -17.41
N PRO B 29 25.63 19.18 -17.62
CA PRO B 29 25.55 18.13 -18.65
C PRO B 29 25.65 18.64 -20.09
N TYR B 30 25.55 19.96 -20.30
CA TYR B 30 25.77 20.51 -21.62
C TYR B 30 27.25 20.54 -22.01
N ASP B 31 28.12 20.95 -21.08
CA ASP B 31 29.50 21.11 -21.48
C ASP B 31 30.48 20.23 -20.72
N GLN B 32 29.95 19.45 -19.79
CA GLN B 32 30.78 18.53 -18.97
C GLN B 32 31.76 19.24 -18.03
N SER B 33 31.57 20.55 -17.82
CA SER B 33 32.33 21.25 -16.78
C SER B 33 31.82 20.91 -15.38
N VAL B 34 32.74 20.85 -14.43
CA VAL B 34 32.41 20.74 -13.00
C VAL B 34 31.70 21.99 -12.47
N ILE B 35 30.53 21.77 -11.88
CA ILE B 35 29.86 22.80 -11.11
C ILE B 35 30.48 22.78 -9.73
N THR B 36 30.54 21.61 -9.11
CA THR B 36 31.19 21.48 -7.81
C THR B 36 31.58 20.02 -7.57
N THR B 37 32.44 19.84 -6.57
CA THR B 37 32.89 18.52 -6.16
C THR B 37 32.34 18.18 -4.78
N ALA B 38 31.75 17.00 -4.70
CA ALA B 38 31.10 16.54 -3.49
C ALA B 38 31.76 15.27 -3.00
N SER B 39 32.11 15.26 -1.72
CA SER B 39 32.56 14.04 -1.08
C SER B 39 31.32 13.20 -0.70
N LEU B 40 31.43 11.89 -0.85
CA LEU B 40 30.31 10.99 -0.64
C LEU B 40 30.30 10.40 0.77
N ALA B 41 29.13 10.45 1.39
CA ALA B 41 28.85 9.88 2.70
C ALA B 41 28.89 8.35 2.67
N THR B 42 29.11 7.73 3.84
CA THR B 42 29.31 6.28 3.95
C THR B 42 28.04 5.50 4.29
N GLY B 43 28.12 4.19 4.13
CA GLY B 43 27.10 3.29 4.67
C GLY B 43 26.88 3.50 6.17
N LYS B 44 27.96 3.77 6.93
CA LYS B 44 27.84 4.14 8.35
C LYS B 44 27.14 5.51 8.53
N GLN B 45 27.54 6.52 7.76
CA GLN B 45 26.94 7.86 7.91
C GLN B 45 25.43 7.84 7.64
N LEU B 46 25.00 7.01 6.70
CA LEU B 46 23.59 6.88 6.42
C LEU B 46 22.90 6.26 7.63
N GLU B 47 23.49 5.20 8.18
CA GLU B 47 22.95 4.55 9.37
C GLU B 47 22.79 5.53 10.51
N ASP B 48 23.85 6.30 10.81
CA ASP B 48 23.80 7.33 11.85
C ASP B 48 22.68 8.33 11.60
N ALA B 49 22.48 8.67 10.32
CA ALA B 49 21.45 9.62 9.91
C ALA B 49 20.03 9.13 10.25
N PHE B 50 19.74 7.87 9.94
CA PHE B 50 18.45 7.30 10.26
C PHE B 50 18.22 7.27 11.75
N ASP B 51 19.28 6.97 12.54
CA ASP B 51 19.21 6.99 14.02
C ASP B 51 18.82 8.40 14.47
N ILE B 52 19.61 9.37 14.02
CA ILE B 52 19.39 10.78 14.32
C ILE B 52 17.96 11.21 13.95
N ALA B 53 17.48 10.78 12.80
CA ALA B 53 16.13 11.11 12.35
C ALA B 53 15.08 10.49 13.28
N GLN B 54 15.35 9.27 13.77
CA GLN B 54 14.43 8.57 14.66
C GLN B 54 14.26 9.34 15.95
N LYS B 55 15.38 9.78 16.52
CA LYS B 55 15.40 10.64 17.70
C LYS B 55 14.67 11.96 17.49
N ALA B 56 15.07 12.70 16.46
CA ALA B 56 14.54 14.05 16.21
C ALA B 56 13.03 14.07 15.99
N GLN B 57 12.50 12.94 15.55
CA GLN B 57 11.10 12.84 15.14
C GLN B 57 10.18 12.77 16.34
N LYS B 58 10.64 12.08 17.40
CA LYS B 58 9.87 11.96 18.66
C LYS B 58 9.55 13.32 19.27
N GLU B 59 10.45 14.27 19.00
CA GLU B 59 10.30 15.67 19.40
C GLU B 59 9.44 16.43 18.38
N TRP B 60 9.77 16.28 17.10
CA TRP B 60 9.02 16.94 16.04
C TRP B 60 7.55 16.57 15.98
N ALA B 61 7.21 15.40 16.54
CA ALA B 61 5.83 14.93 16.61
C ALA B 61 4.98 15.71 17.61
N LYS B 62 5.63 16.61 18.37
CA LYS B 62 4.99 17.34 19.46
C LYS B 62 5.01 18.87 19.26
N SER B 63 5.60 19.31 18.16
CA SER B 63 5.63 20.74 17.84
C SER B 63 4.24 21.25 17.49
N THR B 64 4.00 22.54 17.69
CA THR B 64 2.68 23.12 17.40
C THR B 64 2.40 23.27 15.89
N THR B 65 1.13 23.55 15.56
CA THR B 65 0.74 23.95 14.21
C THR B 65 1.50 25.20 13.83
N GLU B 66 1.63 26.12 14.77
CA GLU B 66 2.32 27.40 14.57
C GLU B 66 3.70 27.20 13.98
N ASP B 67 4.58 26.57 14.77
CA ASP B 67 5.99 26.33 14.43
C ASP B 67 6.17 25.75 13.04
N ARG B 68 5.36 24.75 12.74
CA ARG B 68 5.45 24.01 11.48
C ARG B 68 5.02 24.87 10.31
N LYS B 69 3.84 25.47 10.42
CA LYS B 69 3.40 26.46 9.43
C LYS B 69 4.49 27.52 9.24
N ALA B 70 5.20 27.84 10.33
CA ALA B 70 6.23 28.88 10.32
C ALA B 70 7.49 28.44 9.61
N VAL B 71 7.97 27.23 9.94
CA VAL B 71 9.18 26.74 9.32
C VAL B 71 8.98 26.64 7.79
N LEU B 72 7.85 26.10 7.37
CA LEU B 72 7.53 25.97 5.95
C LEU B 72 7.48 27.33 5.23
N GLN B 73 6.87 28.31 5.89
CA GLN B 73 6.73 29.64 5.30
C GLN B 73 8.10 30.33 5.09
N LYS B 74 8.98 30.22 6.08
CA LYS B 74 10.34 30.76 5.97
C LYS B 74 11.13 30.02 4.89
N ALA B 75 10.97 28.70 4.84
CA ALA B 75 11.60 27.89 3.82
C ALA B 75 11.13 28.29 2.42
N ARG B 76 9.81 28.47 2.26
CA ARG B 76 9.23 28.94 0.99
C ARG B 76 9.75 30.35 0.65
N GLY B 77 9.86 31.20 1.68
CA GLY B 77 10.41 32.54 1.50
C GLY B 77 11.82 32.51 0.96
N TYR B 78 12.65 31.64 1.53
CA TYR B 78 14.03 31.50 1.10
C TYR B 78 14.11 31.18 -0.40
N LEU B 79 13.32 30.19 -0.81
CA LEU B 79 13.26 29.81 -2.22
C LEU B 79 12.79 30.97 -3.12
N HIS B 80 11.70 31.62 -2.74
CA HIS B 80 11.13 32.71 -3.54
C HIS B 80 12.05 33.89 -3.69
N GLU B 81 12.64 34.33 -2.58
CA GLU B 81 13.58 35.46 -2.58
C GLU B 81 14.85 35.17 -3.35
N ASN B 82 15.16 33.90 -3.53
CA ASN B 82 16.36 33.51 -4.25
C ASN B 82 16.09 32.87 -5.60
N ARG B 83 14.87 33.03 -6.11
CA ARG B 83 14.41 32.33 -7.32
C ARG B 83 15.29 32.47 -8.57
N ASP B 84 15.87 33.63 -8.78
CA ASP B 84 16.73 33.87 -9.94
C ASP B 84 17.95 32.94 -10.01
N ASP B 85 18.72 32.91 -8.92
CA ASP B 85 19.90 32.04 -8.82
C ASP B 85 19.56 30.55 -8.80
N ILE B 86 18.44 30.21 -8.16
CA ILE B 86 18.04 28.82 -8.00
C ILE B 86 17.63 28.26 -9.36
N ILE B 87 16.84 29.02 -10.11
CA ILE B 87 16.45 28.62 -11.47
C ILE B 87 17.69 28.41 -12.32
N MET B 88 18.66 29.31 -12.18
CA MET B 88 19.92 29.20 -12.93
C MET B 88 20.68 27.92 -12.55
N MET B 89 20.91 27.74 -11.25
CA MET B 89 21.52 26.51 -10.79
C MET B 89 20.76 25.24 -11.27
N ILE B 90 19.42 25.24 -11.19
CA ILE B 90 18.62 24.06 -11.57
C ILE B 90 18.95 23.70 -13.01
N ALA B 91 18.96 24.72 -13.87
CA ALA B 91 19.24 24.57 -15.30
C ALA B 91 20.67 24.06 -15.52
N ARG B 92 21.65 24.73 -14.90
CA ARG B 92 23.04 24.26 -14.97
C ARG B 92 23.25 22.79 -14.64
N GLU B 93 22.69 22.33 -13.52
CA GLU B 93 23.01 21.01 -12.98
C GLU B 93 22.15 19.94 -13.64
N THR B 94 20.95 20.36 -13.98
CA THR B 94 19.87 19.48 -14.43
C THR B 94 19.88 19.32 -15.95
N GLY B 95 20.27 20.38 -16.66
CA GLY B 95 20.19 20.36 -18.11
C GLY B 95 18.80 20.68 -18.63
N GLY B 96 17.88 20.96 -17.71
CA GLY B 96 16.57 21.47 -18.07
C GLY B 96 16.71 22.94 -18.46
N THR B 97 15.97 23.35 -19.49
CA THR B 97 15.92 24.77 -19.91
C THR B 97 15.47 25.73 -18.81
N ILE B 98 15.70 27.01 -19.04
CA ILE B 98 15.22 28.07 -18.18
C ILE B 98 13.69 28.01 -18.03
N ILE B 99 12.99 27.57 -19.07
CA ILE B 99 11.54 27.42 -19.01
C ILE B 99 11.13 26.28 -18.06
N LYS B 100 11.73 25.11 -18.27
CA LYS B 100 11.45 23.95 -17.44
C LYS B 100 11.88 24.22 -16.00
N SER B 101 13.06 24.81 -15.82
CA SER B 101 13.60 25.09 -14.49
C SER B 101 12.73 26.02 -13.65
N THR B 102 12.12 27.02 -14.30
CA THR B 102 11.22 27.98 -13.66
C THR B 102 9.95 27.29 -13.15
N ILE B 103 9.40 26.45 -14.01
CA ILE B 103 8.25 25.63 -13.67
C ILE B 103 8.56 24.73 -12.47
N GLU B 104 9.80 24.27 -12.38
CA GLU B 104 10.16 23.38 -11.29
C GLU B 104 10.27 24.13 -9.95
N LEU B 105 10.92 25.28 -9.96
CA LEU B 105 10.99 26.12 -8.78
C LEU B 105 9.59 26.46 -8.28
N GLU B 106 8.77 27.01 -9.17
CA GLU B 106 7.40 27.38 -8.84
C GLU B 106 6.58 26.21 -8.34
N GLN B 107 6.73 25.05 -8.98
CA GLN B 107 6.02 23.88 -8.51
C GLN B 107 6.47 23.62 -7.07
N THR B 108 7.78 23.70 -6.85
CA THR B 108 8.35 23.48 -5.53
C THR B 108 7.70 24.41 -4.50
N ILE B 109 7.61 25.69 -4.83
CA ILE B 109 7.02 26.71 -3.96
C ILE B 109 5.53 26.41 -3.70
N ALA B 110 4.79 26.07 -4.75
CA ALA B 110 3.39 25.70 -4.61
C ALA B 110 3.21 24.55 -3.61
N ILE B 111 4.07 23.52 -3.68
CA ILE B 111 4.06 22.39 -2.71
C ILE B 111 4.12 22.92 -1.27
N LEU B 112 5.09 23.79 -1.01
CA LEU B 112 5.25 24.42 0.30
C LEU B 112 3.97 25.11 0.76
N ASP B 113 3.44 26.00 -0.08
CA ASP B 113 2.15 26.64 0.19
C ASP B 113 1.07 25.60 0.53
N GLU B 114 0.84 24.66 -0.39
CA GLU B 114 -0.11 23.56 -0.18
C GLU B 114 0.09 22.85 1.16
N ALA B 115 1.35 22.58 1.50
CA ALA B 115 1.65 21.84 2.73
C ALA B 115 1.33 22.67 3.97
N MET B 116 1.56 23.98 3.90
CA MET B 116 1.13 24.86 5.00
C MET B 116 -0.33 24.60 5.31
N THR B 117 -1.09 24.29 4.27
CA THR B 117 -2.55 24.11 4.31
C THR B 117 -3.04 22.92 5.14
N TYR B 118 -2.20 21.93 5.37
CA TYR B 118 -2.64 20.80 6.17
C TYR B 118 -1.78 20.55 7.41
N THR B 119 -1.11 21.59 7.88
CA THR B 119 -0.25 21.48 9.05
C THR B 119 -1.08 21.19 10.30
N GLY B 120 -2.29 21.73 10.36
CA GLY B 120 -3.15 21.55 11.52
C GLY B 120 -3.93 20.25 11.51
N GLU B 121 -3.44 19.26 10.78
CA GLU B 121 -4.20 18.03 10.61
C GLU B 121 -3.87 16.92 11.59
N LEU B 122 -3.45 17.24 12.81
CA LEU B 122 -3.06 16.16 13.76
C LEU B 122 -3.95 15.93 14.98
N GLY B 123 -5.26 16.13 14.82
CA GLY B 123 -6.19 16.00 15.93
C GLY B 123 -6.95 14.70 15.96
N GLY B 124 -8.22 14.77 16.41
CA GLY B 124 -9.04 13.58 16.62
C GLY B 124 -10.48 13.73 16.15
N VAL B 125 -11.03 12.65 15.60
CA VAL B 125 -12.44 12.59 15.22
C VAL B 125 -13.19 11.73 16.24
N LYS B 126 -14.16 12.34 16.92
CA LYS B 126 -14.80 11.73 18.08
C LYS B 126 -16.08 10.97 17.72
N GLU B 127 -15.92 9.74 17.23
CA GLU B 127 -17.04 8.91 16.81
C GLU B 127 -17.20 7.65 17.64
N GLU B 133 -22.28 0.27 21.79
CA GLU B 133 -23.25 1.30 22.11
C GLU B 133 -23.19 1.74 23.58
N GLY B 134 -22.24 1.15 24.30
CA GLY B 134 -21.68 1.75 25.51
C GLY B 134 -20.34 2.32 25.08
N LYS B 135 -19.94 1.98 23.86
CA LYS B 135 -18.63 2.32 23.29
C LYS B 135 -18.54 3.72 22.71
N THR B 136 -17.31 4.21 22.58
CA THR B 136 -17.03 5.40 21.81
C THR B 136 -15.68 5.28 21.09
N ASN B 137 -15.63 5.80 19.89
CA ASN B 137 -14.53 5.52 19.02
C ASN B 137 -13.79 6.78 18.63
N LYS B 138 -12.61 6.95 19.23
CA LYS B 138 -11.76 8.09 18.94
C LYS B 138 -10.81 7.72 17.82
N ILE B 139 -10.92 8.43 16.70
CA ILE B 139 -9.97 8.31 15.59
C ILE B 139 -8.97 9.45 15.71
N TYR B 140 -7.68 9.13 15.59
CA TYR B 140 -6.60 10.12 15.72
C TYR B 140 -5.67 10.12 14.55
N ARG B 141 -5.29 11.30 14.10
CA ARG B 141 -4.26 11.40 13.05
C ARG B 141 -2.89 11.68 13.66
N LEU B 142 -1.99 10.71 13.52
CA LEU B 142 -0.65 10.84 14.10
C LEU B 142 0.45 10.75 13.05
N PRO B 143 1.61 11.37 13.35
CA PRO B 143 2.81 11.25 12.51
C PRO B 143 3.21 9.80 12.27
N LEU B 144 3.69 9.52 11.07
CA LEU B 144 4.07 8.17 10.68
C LEU B 144 5.37 7.70 11.32
N GLY B 145 6.38 8.59 11.34
CA GLY B 145 7.72 8.28 11.86
C GLY B 145 8.86 8.83 11.01
N VAL B 146 9.81 7.96 10.70
CA VAL B 146 10.92 8.34 9.81
C VAL B 146 10.56 8.01 8.35
N ILE B 147 10.79 8.97 7.46
CA ILE B 147 10.56 8.70 6.05
C ILE B 147 11.87 8.66 5.24
N SER B 148 11.97 7.63 4.39
CA SER B 148 13.08 7.44 3.50
C SER B 148 12.68 7.94 2.12
N SER B 149 13.39 8.98 1.65
CA SER B 149 13.01 9.72 0.43
C SER B 149 14.12 9.64 -0.61
N ILE B 150 13.73 9.29 -1.85
CA ILE B 150 14.67 9.13 -2.97
C ILE B 150 14.12 9.90 -4.18
N SER B 151 14.96 10.74 -4.79
CA SER B 151 14.54 11.48 -5.97
C SER B 151 15.51 11.28 -7.10
N PRO B 152 15.04 11.45 -8.36
CA PRO B 152 15.83 11.13 -9.54
C PRO B 152 16.44 12.38 -10.16
N PHE B 153 17.11 12.23 -11.31
CA PHE B 153 17.84 13.36 -11.91
C PHE B 153 16.96 14.33 -12.69
N ASN B 154 15.71 13.95 -12.94
CA ASN B 154 14.77 14.76 -13.72
C ASN B 154 13.76 15.40 -12.79
N PHE B 155 13.57 16.70 -12.92
CA PHE B 155 12.72 17.41 -11.96
C PHE B 155 13.11 17.11 -10.51
N PRO B 156 14.40 17.18 -10.17
CA PRO B 156 14.83 16.77 -8.83
C PRO B 156 14.33 17.61 -7.63
N MET B 157 14.21 18.95 -7.77
CA MET B 157 13.75 19.80 -6.67
C MET B 157 12.26 19.60 -6.38
N ASN B 158 11.49 19.76 -7.45
CA ASN B 158 10.08 19.50 -7.48
C ASN B 158 9.74 18.20 -6.74
N LEU B 159 10.30 17.09 -7.20
CA LEU B 159 9.93 15.77 -6.72
C LEU B 159 10.46 15.48 -5.32
N SER B 160 11.58 16.11 -4.96
CA SER B 160 12.08 16.00 -3.57
C SER B 160 11.08 16.62 -2.59
N MET B 161 10.67 17.85 -2.87
CA MET B 161 9.78 18.61 -1.98
C MET B 161 8.40 17.96 -1.87
N ARG B 162 7.98 17.28 -2.93
CA ARG B 162 6.77 16.47 -2.91
C ARG B 162 6.75 15.50 -1.73
N SER B 163 7.91 15.10 -1.22
CA SER B 163 7.95 14.21 -0.05
C SER B 163 8.38 14.99 1.19
N ILE B 164 9.45 15.75 1.03
CA ILE B 164 10.05 16.47 2.13
C ILE B 164 9.05 17.43 2.80
N ALA B 165 8.26 18.16 2.01
CA ALA B 165 7.30 19.14 2.58
C ALA B 165 6.20 18.51 3.45
N PRO B 166 5.35 17.62 2.88
CA PRO B 166 4.30 17.07 3.74
C PRO B 166 4.85 16.29 4.92
N ALA B 167 5.98 15.60 4.74
CA ALA B 167 6.60 14.84 5.80
C ALA B 167 6.72 15.72 7.02
N ILE B 168 7.43 16.82 6.83
CA ILE B 168 7.74 17.81 7.85
C ILE B 168 6.48 18.49 8.36
N ALA B 169 5.60 18.83 7.44
CA ALA B 169 4.31 19.39 7.80
C ALA B 169 3.54 18.50 8.79
N LEU B 170 3.80 17.20 8.77
CA LEU B 170 2.98 16.26 9.54
C LEU B 170 3.70 15.53 10.68
N GLY B 171 4.68 16.20 11.27
CA GLY B 171 5.39 15.64 12.40
C GLY B 171 6.32 14.48 12.08
N ASN B 172 6.69 14.33 10.82
CA ASN B 172 7.65 13.30 10.41
C ASN B 172 9.08 13.82 10.31
N SER B 173 10.02 12.89 10.16
CA SER B 173 11.39 13.26 9.89
C SER B 173 11.80 12.59 8.58
N VAL B 174 12.90 13.06 8.00
CA VAL B 174 13.25 12.65 6.66
C VAL B 174 14.73 12.40 6.51
N VAL B 175 15.06 11.23 5.97
CA VAL B 175 16.37 11.03 5.41
C VAL B 175 16.20 11.03 3.88
N HIS B 176 16.75 12.04 3.21
CA HIS B 176 16.51 12.22 1.79
C HIS B 176 17.76 11.99 1.00
N LYS B 177 17.63 11.23 -0.09
CA LYS B 177 18.74 10.97 -0.99
C LYS B 177 18.39 11.30 -2.43
N PRO B 178 18.98 12.38 -2.94
CA PRO B 178 18.87 12.75 -4.34
C PRO B 178 19.89 12.01 -5.21
N ASP B 179 19.67 11.99 -6.53
CA ASP B 179 20.71 11.55 -7.45
C ASP B 179 21.90 12.49 -7.25
N ILE B 180 23.08 11.95 -7.14
CA ILE B 180 24.24 12.77 -6.87
C ILE B 180 24.50 13.77 -7.99
N GLN B 181 24.20 13.39 -9.20
CA GLN B 181 24.49 14.32 -10.25
CA GLN B 181 24.46 14.28 -10.30
C GLN B 181 23.47 15.43 -10.15
N THR B 182 22.42 15.41 -9.35
CA THR B 182 21.58 16.60 -9.24
C THR B 182 21.36 16.92 -7.78
N ALA B 183 22.41 16.78 -7.00
CA ALA B 183 22.32 16.91 -5.58
C ALA B 183 21.92 18.28 -5.13
N ILE B 184 22.38 19.28 -5.84
CA ILE B 184 22.13 20.66 -5.44
C ILE B 184 20.65 20.99 -5.58
N SER B 185 20.07 20.64 -6.72
CA SER B 185 18.70 20.96 -7.01
C SER B 185 17.84 19.97 -6.28
N GLY B 186 18.42 18.79 -6.04
CA GLY B 186 17.65 17.66 -5.58
C GLY B 186 17.70 17.55 -4.08
N GLY B 187 18.63 18.26 -3.45
CA GLY B 187 18.76 18.19 -2.02
C GLY B 187 19.36 19.35 -1.27
N THR B 188 20.50 19.88 -1.74
CA THR B 188 21.21 20.85 -0.91
C THR B 188 20.60 22.24 -0.87
N ILE B 189 20.00 22.73 -1.96
CA ILE B 189 19.27 24.02 -1.86
C ILE B 189 18.19 23.87 -0.79
N ILE B 190 17.31 22.87 -0.93
CA ILE B 190 16.19 22.62 0.00
C ILE B 190 16.67 22.53 1.46
N ALA B 191 17.81 21.87 1.68
CA ALA B 191 18.38 21.75 3.01
C ALA B 191 18.75 23.12 3.61
N LYS B 192 19.33 23.98 2.77
CA LYS B 192 19.63 25.37 3.13
C LYS B 192 18.39 26.15 3.53
N ALA B 193 17.33 26.06 2.73
CA ALA B 193 16.06 26.70 3.08
C ALA B 193 15.53 26.25 4.44
N PHE B 194 15.66 24.97 4.75
CA PHE B 194 15.13 24.48 6.02
C PHE B 194 15.99 24.89 7.22
N GLU B 195 17.31 24.88 7.03
CA GLU B 195 18.22 25.38 8.05
C GLU B 195 17.91 26.85 8.29
N HIS B 196 17.88 27.63 7.21
CA HIS B 196 17.50 29.04 7.26
C HIS B 196 16.26 29.26 8.09
N ALA B 197 15.24 28.44 7.85
CA ALA B 197 13.96 28.52 8.56
C ALA B 197 13.97 27.92 9.97
N GLY B 198 15.15 27.53 10.45
CA GLY B 198 15.30 27.04 11.83
C GLY B 198 14.66 25.68 12.10
N LEU B 199 14.70 24.78 11.11
CA LEU B 199 14.21 23.42 11.33
C LEU B 199 15.08 22.75 12.38
N PRO B 200 14.47 22.13 13.40
CA PRO B 200 15.30 21.47 14.44
C PRO B 200 16.23 20.46 13.83
N ALA B 201 17.41 20.32 14.42
CA ALA B 201 18.43 19.40 13.95
C ALA B 201 17.84 18.01 13.80
N GLY B 202 18.16 17.36 12.68
CA GLY B 202 17.80 15.98 12.49
C GLY B 202 16.45 15.67 11.89
N VAL B 203 15.58 16.70 11.78
CA VAL B 203 14.26 16.46 11.15
C VAL B 203 14.37 16.30 9.61
N LEU B 204 15.41 16.88 9.03
CA LEU B 204 15.69 16.74 7.63
C LEU B 204 17.16 16.41 7.40
N ASN B 205 17.41 15.26 6.81
CA ASN B 205 18.75 14.89 6.49
C ASN B 205 18.86 14.59 4.99
N VAL B 206 19.76 15.32 4.33
CA VAL B 206 20.04 15.16 2.92
C VAL B 206 21.37 14.45 2.72
N MET B 207 21.34 13.33 1.99
CA MET B 207 22.50 12.47 1.87
C MET B 207 23.15 12.57 0.50
N LEU B 208 24.38 13.08 0.47
CA LEU B 208 25.17 13.04 -0.75
C LEU B 208 26.00 11.78 -0.70
N THR B 209 25.61 10.82 -1.53
CA THR B 209 26.26 9.53 -1.61
C THR B 209 25.97 8.78 -2.93
N ASP B 210 26.43 7.53 -3.07
CA ASP B 210 26.06 6.66 -4.22
C ASP B 210 25.97 5.17 -3.84
N VAL B 211 25.57 4.35 -4.80
CA VAL B 211 25.38 2.89 -4.62
C VAL B 211 26.62 2.16 -4.09
N LYS B 212 27.79 2.44 -4.67
CA LYS B 212 29.05 1.80 -4.28
C LYS B 212 29.23 1.88 -2.77
N GLU B 213 28.59 2.89 -2.19
CA GLU B 213 28.80 3.25 -0.81
C GLU B 213 27.71 2.69 0.11
N ILE B 214 26.48 2.62 -0.38
CA ILE B 214 25.35 2.37 0.50
C ILE B 214 24.47 1.18 0.12
N GLY B 215 24.71 0.59 -1.06
CA GLY B 215 23.85 -0.50 -1.53
C GLY B 215 22.39 -0.09 -1.42
N ASP B 216 21.56 -0.96 -0.85
CA ASP B 216 20.12 -0.68 -0.59
C ASP B 216 19.87 -0.02 0.77
N GLY B 217 20.90 0.59 1.35
CA GLY B 217 20.79 1.27 2.67
C GLY B 217 19.52 2.08 2.93
N MET B 218 18.99 2.75 1.90
CA MET B 218 17.81 3.60 2.05
C MET B 218 16.53 2.79 2.15
N LEU B 219 16.58 1.55 1.69
CA LEU B 219 15.40 0.70 1.61
C LEU B 219 15.37 -0.35 2.69
N THR B 220 16.56 -0.79 3.07
CA THR B 220 16.75 -1.95 3.94
C THR B 220 16.66 -1.65 5.43
N ASN B 221 17.04 -0.42 5.82
CA ASN B 221 17.04 -0.01 7.22
C ASN B 221 15.67 -0.17 7.87
N PRO B 222 15.61 -0.83 9.04
CA PRO B 222 14.32 -1.05 9.71
C PRO B 222 13.68 0.21 10.27
N ILE B 223 14.47 1.25 10.52
CA ILE B 223 13.92 2.49 11.05
C ILE B 223 12.77 3.18 10.23
N PRO B 224 13.01 3.51 8.93
CA PRO B 224 11.96 4.28 8.25
C PRO B 224 10.68 3.49 8.06
N ARG B 225 9.53 4.14 8.20
CA ARG B 225 8.25 3.46 8.01
C ARG B 225 7.58 3.78 6.67
N LEU B 226 8.28 4.55 5.82
CA LEU B 226 7.87 4.86 4.45
C LEU B 226 9.05 5.04 3.47
N ILE B 227 8.97 4.39 2.31
CA ILE B 227 9.86 4.71 1.22
C ILE B 227 9.08 5.49 0.16
N SER B 228 9.40 6.78 0.06
CA SER B 228 8.92 7.64 -1.02
C SER B 228 9.95 7.65 -2.15
N PHE B 229 9.50 7.31 -3.34
CA PHE B 229 10.37 7.19 -4.49
C PHE B 229 9.73 7.72 -5.78
N THR B 230 10.59 8.23 -6.65
CA THR B 230 10.20 8.63 -8.01
C THR B 230 11.38 8.32 -8.90
N GLY B 231 11.08 7.78 -10.08
CA GLY B 231 12.09 7.27 -11.00
C GLY B 231 11.45 6.23 -11.91
N SER B 232 12.29 5.38 -12.50
CA SER B 232 11.80 4.40 -13.47
C SER B 232 10.94 3.34 -12.79
N THR B 233 10.24 2.53 -13.59
CA THR B 233 9.44 1.47 -13.01
C THR B 233 10.30 0.29 -12.67
N ALA B 234 11.36 0.08 -13.44
CA ALA B 234 12.31 -1.00 -13.14
C ALA B 234 13.05 -0.78 -11.80
N VAL B 235 13.32 0.47 -11.44
CA VAL B 235 13.86 0.73 -10.10
C VAL B 235 12.70 0.58 -9.11
N GLY B 236 11.53 1.15 -9.45
CA GLY B 236 10.28 0.89 -8.72
C GLY B 236 10.11 -0.57 -8.33
N ARG B 237 10.15 -1.45 -9.34
CA ARG B 237 10.00 -2.88 -9.09
C ARG B 237 10.98 -3.36 -8.03
N HIS B 238 12.20 -2.86 -8.10
CA HIS B 238 13.23 -3.21 -7.15
C HIS B 238 12.88 -2.69 -5.77
N ILE B 239 12.51 -1.40 -5.68
CA ILE B 239 12.11 -0.83 -4.39
C ILE B 239 10.87 -1.52 -3.82
N GLY B 240 9.87 -1.73 -4.68
CA GLY B 240 8.60 -2.35 -4.31
C GLY B 240 8.76 -3.73 -3.72
N GLU B 241 9.73 -4.47 -4.23
CA GLU B 241 9.98 -5.81 -3.77
C GLU B 241 10.69 -5.76 -2.40
N ILE B 242 11.58 -4.80 -2.19
CA ILE B 242 12.30 -4.70 -0.90
C ILE B 242 11.35 -4.21 0.18
N ALA B 243 10.61 -3.16 -0.11
CA ALA B 243 9.69 -2.57 0.84
C ALA B 243 8.55 -3.52 1.24
N GLY B 244 7.88 -4.13 0.26
CA GLY B 244 6.79 -5.08 0.53
C GLY B 244 7.21 -6.16 1.50
N ARG B 245 8.47 -6.54 1.43
CA ARG B 245 9.03 -7.66 2.16
C ARG B 245 9.34 -7.25 3.60
N ALA B 246 9.50 -5.96 3.81
CA ALA B 246 9.68 -5.42 5.14
C ALA B 246 8.37 -4.82 5.69
N PHE B 247 7.29 -4.88 4.92
CA PHE B 247 5.99 -4.28 5.28
C PHE B 247 6.05 -2.76 5.49
N LYS B 248 6.93 -2.10 4.76
CA LYS B 248 7.02 -0.65 4.76
C LYS B 248 5.95 -0.07 3.83
N ARG B 249 5.39 1.06 4.19
CA ARG B 249 4.46 1.72 3.29
C ARG B 249 5.31 2.30 2.16
N MET B 250 4.79 2.38 0.96
CA MET B 250 5.53 3.00 -0.14
C MET B 250 4.72 4.06 -0.85
N ALA B 251 5.37 5.18 -1.14
CA ALA B 251 4.80 6.23 -1.98
C ALA B 251 5.62 6.23 -3.26
N LEU B 252 5.20 5.41 -4.20
CA LEU B 252 5.87 5.29 -5.47
C LEU B 252 5.23 6.18 -6.53
N GLU B 253 6.04 7.02 -7.18
CA GLU B 253 5.60 7.75 -8.37
C GLU B 253 6.52 7.36 -9.52
N LEU B 254 5.97 6.63 -10.48
CA LEU B 254 6.77 6.02 -11.54
C LEU B 254 6.49 6.65 -12.89
N GLY B 255 7.54 6.84 -13.69
CA GLY B 255 7.47 7.53 -14.99
C GLY B 255 6.40 7.10 -15.99
N GLY B 256 6.09 5.80 -16.01
CA GLY B 256 5.00 5.28 -16.85
C GLY B 256 5.20 5.30 -18.36
N ASN B 257 4.30 4.62 -19.05
CA ASN B 257 4.19 4.72 -20.50
C ASN B 257 2.85 5.41 -20.81
N ASN B 258 2.91 6.75 -20.93
CA ASN B 258 1.70 7.57 -20.93
C ASN B 258 1.20 7.84 -22.33
N PRO B 259 -0.03 7.38 -22.62
CA PRO B 259 -0.58 7.56 -23.96
C PRO B 259 -1.28 8.91 -24.11
N PHE B 260 -1.01 9.57 -25.24
CA PHE B 260 -1.63 10.81 -25.67
C PHE B 260 -2.52 10.46 -26.86
N ALA B 261 -3.83 10.45 -26.67
CA ALA B 261 -4.77 10.03 -27.72
C ALA B 261 -5.48 11.23 -28.36
N VAL B 262 -5.48 11.26 -29.69
CA VAL B 262 -6.10 12.33 -30.46
C VAL B 262 -7.24 11.72 -31.26
N LEU B 263 -8.46 12.13 -30.94
CA LEU B 263 -9.67 11.50 -31.47
C LEU B 263 -10.19 12.12 -32.78
N SER B 264 -11.13 11.42 -33.42
CA SER B 264 -11.71 11.86 -34.71
C SER B 264 -12.14 13.33 -34.74
N ASP B 265 -12.70 13.81 -33.63
CA ASP B 265 -13.19 15.17 -33.58
C ASP B 265 -12.23 16.13 -32.88
N ALA B 266 -10.94 15.80 -32.87
CA ALA B 266 -9.92 16.69 -32.26
C ALA B 266 -9.81 18.01 -33.01
N ASP B 267 -9.69 19.12 -32.28
CA ASP B 267 -9.09 20.32 -32.88
C ASP B 267 -7.57 20.08 -33.01
N VAL B 268 -7.08 19.99 -34.23
CA VAL B 268 -5.75 19.44 -34.48
C VAL B 268 -4.59 20.35 -34.07
N ASP B 269 -4.70 21.64 -34.41
CA ASP B 269 -3.67 22.62 -34.07
C ASP B 269 -3.41 22.59 -32.57
N ARG B 270 -4.48 22.57 -31.80
CA ARG B 270 -4.39 22.57 -30.35
C ARG B 270 -3.77 21.28 -29.82
N ALA B 271 -4.06 20.17 -30.52
CA ALA B 271 -3.51 18.87 -30.17
C ALA B 271 -2.01 18.86 -30.43
N VAL B 272 -1.62 19.41 -31.58
CA VAL B 272 -0.21 19.54 -31.93
C VAL B 272 0.52 20.32 -30.86
N ASP B 273 0.00 21.52 -30.56
CA ASP B 273 0.48 22.36 -29.46
C ASP B 273 0.67 21.59 -28.15
N ALA B 274 -0.41 20.95 -27.70
CA ALA B 274 -0.35 20.17 -26.48
C ALA B 274 0.71 19.10 -26.60
N ALA B 275 0.77 18.39 -27.73
CA ALA B 275 1.74 17.30 -27.88
C ALA B 275 3.18 17.83 -27.87
N ILE B 276 3.42 18.88 -28.62
CA ILE B 276 4.73 19.50 -28.65
C ILE B 276 5.13 20.03 -27.29
N PHE B 277 4.22 20.76 -26.64
CA PHE B 277 4.51 21.33 -25.34
C PHE B 277 4.69 20.23 -24.31
N GLY B 278 3.83 19.22 -24.36
CA GLY B 278 3.89 18.14 -23.39
C GLY B 278 5.14 17.30 -23.56
N LYS B 279 5.43 16.91 -24.78
CA LYS B 279 6.63 16.15 -25.08
C LYS B 279 7.99 16.81 -24.93
N PHE B 280 8.11 18.09 -25.27
CA PHE B 280 9.43 18.68 -25.29
C PHE B 280 9.63 19.84 -24.37
N ILE B 281 8.77 20.84 -24.50
CA ILE B 281 8.94 22.04 -23.72
C ILE B 281 8.75 21.83 -22.25
N HIS B 282 7.71 21.10 -21.89
CA HIS B 282 7.45 20.84 -20.52
C HIS B 282 8.10 19.56 -20.25
N GLN B 283 8.59 18.96 -21.32
CA GLN B 283 9.32 17.68 -21.25
C GLN B 283 8.51 16.56 -20.55
N CYS B 287 0.66 18.46 -17.46
CA CYS B 287 0.80 17.38 -18.43
C CYS B 287 1.40 16.14 -17.76
N MET B 288 1.95 15.24 -18.58
CA MET B 288 2.60 13.99 -18.14
C MET B 288 3.85 13.81 -19.00
N ILE B 289 4.53 12.67 -18.84
CA ILE B 289 5.60 12.35 -19.79
C ILE B 289 4.99 11.57 -20.96
N ILE B 290 5.09 12.11 -22.16
CA ILE B 290 4.46 11.53 -23.31
C ILE B 290 5.36 10.60 -24.07
N ASN B 291 4.91 9.39 -24.36
CA ASN B 291 5.69 8.53 -25.20
C ASN B 291 5.01 8.15 -26.51
N ARG B 292 3.77 7.72 -26.41
CA ARG B 292 3.02 7.26 -27.54
C ARG B 292 2.00 8.30 -27.88
N ILE B 293 1.94 8.67 -29.14
CA ILE B 293 0.89 9.56 -29.59
C ILE B 293 -0.03 8.76 -30.52
N ILE B 294 -1.18 8.37 -29.99
CA ILE B 294 -2.16 7.60 -30.77
C ILE B 294 -3.15 8.54 -31.45
N VAL B 295 -3.16 8.52 -32.79
CA VAL B 295 -4.05 9.41 -33.56
C VAL B 295 -5.04 8.66 -34.47
N HIS B 296 -6.26 9.18 -34.50
CA HIS B 296 -7.34 8.66 -35.32
C HIS B 296 -7.04 8.92 -36.77
N GLN B 297 -7.18 7.87 -37.58
CA GLN B 297 -6.90 7.87 -39.03
C GLN B 297 -7.37 9.09 -39.85
N ASP B 298 -8.52 9.66 -39.47
CA ASP B 298 -9.10 10.76 -40.24
C ASP B 298 -8.36 12.09 -40.09
N VAL B 299 -7.56 12.20 -39.02
CA VAL B 299 -6.80 13.41 -38.79
C VAL B 299 -5.31 13.08 -38.66
N TYR B 300 -4.95 11.87 -39.10
CA TYR B 300 -3.61 11.33 -38.90
C TYR B 300 -2.61 12.10 -39.74
N ASP B 301 -2.85 12.13 -41.05
CA ASP B 301 -1.93 12.76 -42.00
C ASP B 301 -1.66 14.22 -41.63
N GLU B 302 -2.74 14.96 -41.38
CA GLU B 302 -2.65 16.35 -40.93
C GLU B 302 -1.82 16.49 -39.64
N PHE B 303 -2.21 15.78 -38.58
CA PHE B 303 -1.48 15.85 -37.30
C PHE B 303 0.01 15.51 -37.44
N VAL B 304 0.33 14.49 -38.24
CA VAL B 304 1.71 14.09 -38.46
C VAL B 304 2.52 15.22 -39.08
N GLU B 305 1.95 15.83 -40.13
CA GLU B 305 2.59 16.88 -40.91
C GLU B 305 2.92 18.10 -40.06
N LYS B 306 1.94 18.57 -39.30
CA LYS B 306 2.12 19.76 -38.46
C LYS B 306 3.03 19.50 -37.28
N PHE B 307 2.80 18.38 -36.60
CA PHE B 307 3.67 17.99 -35.49
C PHE B 307 5.11 17.91 -35.99
N THR B 308 5.31 17.19 -37.09
CA THR B 308 6.64 17.00 -37.69
C THR B 308 7.35 18.33 -37.98
N ALA B 309 6.62 19.27 -38.59
CA ALA B 309 7.20 20.54 -38.97
C ALA B 309 7.46 21.45 -37.75
N ARG B 310 6.63 21.33 -36.72
CA ARG B 310 6.83 22.12 -35.51
C ARG B 310 7.99 21.60 -34.68
N VAL B 311 8.20 20.28 -34.74
CA VAL B 311 9.29 19.59 -34.06
C VAL B 311 10.63 20.01 -34.64
N LYS B 312 10.73 20.02 -35.96
CA LYS B 312 11.95 20.40 -36.69
C LYS B 312 12.41 21.84 -36.48
N GLN B 313 11.50 22.72 -36.04
CA GLN B 313 11.83 24.11 -35.72
C GLN B 313 12.17 24.34 -34.23
N LEU B 314 12.17 23.28 -33.41
CA LEU B 314 12.52 23.45 -32.02
C LEU B 314 14.02 23.67 -31.87
N PRO B 315 14.43 24.76 -31.21
CA PRO B 315 15.83 25.07 -30.97
C PRO B 315 16.39 24.16 -29.88
N TYR B 316 17.61 23.66 -30.10
CA TYR B 316 18.26 22.82 -29.12
C TYR B 316 19.67 23.32 -28.91
N GLY B 317 20.24 23.00 -27.75
CA GLY B 317 21.57 23.43 -27.40
C GLY B 317 21.68 23.67 -25.91
N ASP B 318 22.32 24.78 -25.56
CA ASP B 318 22.59 25.20 -24.19
C ASP B 318 21.28 25.54 -23.46
N GLN B 319 21.02 24.87 -22.34
CA GLN B 319 19.76 25.05 -21.57
C GLN B 319 19.66 26.42 -20.94
N THR B 320 20.80 27.05 -20.75
CA THR B 320 20.89 28.31 -20.01
C THR B 320 20.57 29.47 -20.93
N ASP B 321 20.38 29.17 -22.22
CA ASP B 321 19.96 30.16 -23.19
C ASP B 321 18.43 30.09 -23.27
N PRO B 322 17.76 31.22 -23.02
CA PRO B 322 16.28 31.23 -22.91
C PRO B 322 15.57 30.71 -24.16
N LYS B 323 16.17 30.92 -25.33
CA LYS B 323 15.60 30.42 -26.58
C LYS B 323 15.61 28.89 -26.75
N THR B 324 16.41 28.18 -25.95
CA THR B 324 16.56 26.71 -26.09
C THR B 324 15.33 25.94 -25.59
N VAL B 325 14.92 24.91 -26.33
CA VAL B 325 13.80 24.07 -25.90
C VAL B 325 14.25 22.66 -25.54
N VAL B 326 15.14 22.10 -26.35
CA VAL B 326 15.64 20.76 -26.10
C VAL B 326 17.09 20.86 -25.66
N GLY B 327 17.33 20.51 -24.39
CA GLY B 327 18.64 20.65 -23.75
C GLY B 327 19.32 19.30 -23.81
N PRO B 328 20.52 19.19 -23.22
CA PRO B 328 21.23 17.91 -23.31
C PRO B 328 20.56 16.91 -22.42
N LEU B 329 20.81 15.62 -22.66
CA LEU B 329 20.46 14.57 -21.70
C LEU B 329 21.48 14.50 -20.56
N ILE B 330 21.03 14.04 -19.39
CA ILE B 330 21.78 14.06 -18.14
C ILE B 330 23.21 13.49 -18.24
N ASN B 331 23.37 12.37 -18.95
CA ASN B 331 24.69 11.74 -19.07
C ASN B 331 24.75 10.82 -20.27
N GLU B 332 25.96 10.35 -20.52
CA GLU B 332 26.31 9.36 -21.54
C GLU B 332 25.35 8.19 -21.55
N ARG B 333 25.20 7.56 -20.40
CA ARG B 333 24.44 6.31 -20.30
C ARG B 333 23.01 6.48 -20.84
N GLN B 334 22.39 7.62 -20.56
CA GLN B 334 21.03 7.90 -21.04
C GLN B 334 21.05 8.12 -22.53
N ILE B 335 22.13 8.70 -23.04
CA ILE B 335 22.22 8.89 -24.48
C ILE B 335 22.32 7.55 -25.17
N GLU B 336 23.13 6.66 -24.62
CA GLU B 336 23.22 5.31 -25.18
C GLU B 336 21.89 4.59 -25.13
N LYS B 337 21.17 4.74 -24.00
CA LYS B 337 19.85 4.10 -23.86
C LYS B 337 18.89 4.53 -24.95
N ALA B 338 18.86 5.83 -25.23
CA ALA B 338 17.95 6.34 -26.25
C ALA B 338 18.37 5.86 -27.65
N LEU B 339 19.67 5.74 -27.87
CA LEU B 339 20.22 5.35 -29.17
C LEU B 339 19.97 3.88 -29.47
N GLU B 340 20.15 3.04 -28.47
CA GLU B 340 19.84 1.62 -28.62
C GLU B 340 18.37 1.45 -28.98
N ILE B 341 17.49 2.19 -28.31
CA ILE B 341 16.05 2.15 -28.59
C ILE B 341 15.77 2.59 -30.02
N ILE B 342 16.51 3.59 -30.46
CA ILE B 342 16.34 4.14 -31.81
C ILE B 342 16.90 3.20 -32.86
N GLU B 343 18.02 2.54 -32.55
CA GLU B 343 18.58 1.57 -33.48
C GLU B 343 17.60 0.41 -33.66
N GLN B 344 17.09 -0.09 -32.55
CA GLN B 344 16.14 -1.20 -32.54
C GLN B 344 14.89 -0.87 -33.35
N ALA B 345 14.39 0.36 -33.25
CA ALA B 345 13.17 0.73 -33.98
C ALA B 345 13.45 0.84 -35.48
N LYS B 346 14.68 1.20 -35.83
CA LYS B 346 15.09 1.27 -37.22
C LYS B 346 15.20 -0.12 -37.85
N THR B 347 15.78 -1.07 -37.12
CA THR B 347 15.93 -2.41 -37.71
C THR B 347 14.55 -3.08 -37.78
N ASP B 348 13.62 -2.59 -36.96
CA ASP B 348 12.24 -3.05 -37.03
C ASP B 348 11.40 -2.46 -38.17
N GLY B 349 11.97 -1.53 -38.93
CA GLY B 349 11.32 -0.96 -40.11
C GLY B 349 10.43 0.26 -39.88
N ILE B 350 10.21 0.61 -38.62
CA ILE B 350 9.38 1.76 -38.25
C ILE B 350 9.96 3.00 -38.90
N GLU B 351 9.10 3.76 -39.57
CA GLU B 351 9.54 4.92 -40.34
C GLU B 351 9.95 6.03 -39.38
N LEU B 352 10.98 6.77 -39.80
CA LEU B 352 11.45 7.91 -39.08
C LEU B 352 11.04 9.15 -39.86
N ALA B 353 9.99 9.83 -39.39
CA ALA B 353 9.56 11.10 -39.95
C ALA B 353 10.56 12.22 -39.66
N VAL B 354 11.12 12.23 -38.44
CA VAL B 354 12.18 13.19 -38.10
C VAL B 354 13.33 12.40 -37.54
N GLU B 355 14.48 12.47 -38.20
CA GLU B 355 15.65 11.78 -37.66
C GLU B 355 16.61 12.80 -37.08
N GLY B 356 16.91 12.60 -35.79
CA GLY B 356 17.85 13.45 -35.10
C GLY B 356 19.26 12.91 -35.07
N LYS B 357 20.08 13.56 -34.26
CA LYS B 357 21.50 13.31 -34.19
C LYS B 357 21.95 13.40 -32.72
N ARG B 358 23.11 12.83 -32.44
CA ARG B 358 23.77 13.17 -31.24
C ARG B 358 24.69 14.36 -31.57
N VAL B 359 24.43 15.51 -30.96
CA VAL B 359 25.28 16.70 -31.06
C VAL B 359 25.87 17.02 -29.69
N GLY B 360 27.16 16.74 -29.49
CA GLY B 360 27.75 16.86 -28.15
C GLY B 360 26.98 15.91 -27.25
N ASN B 361 26.38 16.42 -26.19
CA ASN B 361 25.54 15.58 -25.36
C ASN B 361 24.06 15.88 -25.46
N VAL B 362 23.68 16.51 -26.58
CA VAL B 362 22.28 16.75 -26.88
C VAL B 362 21.80 15.74 -27.90
N LEU B 363 20.67 15.11 -27.62
CA LEU B 363 20.04 14.29 -28.60
C LEU B 363 18.92 15.14 -29.17
N THR B 364 18.96 15.38 -30.48
CA THR B 364 17.94 16.21 -31.12
C THR B 364 16.71 15.34 -31.39
N PRO B 365 15.53 15.97 -31.57
CA PRO B 365 14.28 15.19 -31.57
C PRO B 365 14.26 14.11 -32.64
N TYR B 366 13.75 12.92 -32.27
CA TYR B 366 13.30 11.93 -33.27
C TYR B 366 11.80 11.78 -33.25
N VAL B 367 11.23 11.60 -34.45
CA VAL B 367 9.82 11.24 -34.60
C VAL B 367 9.66 10.01 -35.49
N PHE B 368 9.20 8.93 -34.85
CA PHE B 368 8.82 7.69 -35.51
C PHE B 368 7.32 7.68 -35.84
N VAL B 369 6.97 7.30 -37.07
CA VAL B 369 5.54 7.22 -37.46
C VAL B 369 5.06 5.84 -37.95
N GLY B 370 3.73 5.69 -37.97
CA GLY B 370 3.09 4.47 -38.42
C GLY B 370 3.51 3.24 -37.61
N ALA B 371 3.74 3.42 -36.31
CA ALA B 371 4.17 2.31 -35.48
C ALA B 371 3.03 1.46 -34.93
N ASP B 372 3.33 0.21 -34.66
CA ASP B 372 2.43 -0.65 -33.92
C ASP B 372 2.41 -0.23 -32.45
N ASN B 373 1.21 -0.10 -31.92
CA ASN B 373 1.03 0.16 -30.51
C ASN B 373 1.78 -0.88 -29.66
N ASN B 374 2.06 -2.05 -30.26
CA ASN B 374 2.77 -3.13 -29.56
C ASN B 374 4.26 -3.20 -29.79
N SER B 375 4.73 -2.40 -30.75
CA SER B 375 6.15 -2.31 -31.10
C SER B 375 7.01 -2.11 -29.87
N LYS B 376 8.27 -2.52 -29.97
CA LYS B 376 9.20 -2.36 -28.88
C LYS B 376 9.34 -0.87 -28.51
N ILE B 377 9.43 0.00 -29.50
CA ILE B 377 9.63 1.44 -29.22
C ILE B 377 8.40 2.04 -28.59
N ALA B 378 7.19 1.66 -29.03
CA ALA B 378 5.97 2.17 -28.38
C ALA B 378 5.83 1.72 -26.93
N GLN B 379 6.29 0.51 -26.62
CA GLN B 379 6.13 -0.08 -25.28
C GLN B 379 7.30 0.18 -24.33
N THR B 380 8.07 1.24 -24.61
CA THR B 380 9.26 1.56 -23.82
C THR B 380 9.11 2.91 -23.13
N GLU B 381 9.45 2.94 -21.84
CA GLU B 381 9.52 4.16 -21.07
C GLU B 381 10.90 4.71 -21.42
N LEU B 382 10.94 5.88 -22.02
CA LEU B 382 12.18 6.37 -22.59
C LEU B 382 12.88 7.53 -21.90
N PHE B 383 12.15 8.59 -21.63
CA PHE B 383 12.76 9.84 -21.28
C PHE B 383 13.84 10.35 -22.23
N ALA B 384 13.49 10.45 -23.49
CA ALA B 384 14.33 11.06 -24.49
C ALA B 384 13.43 11.88 -25.36
N PRO B 385 13.96 12.84 -26.07
CA PRO B 385 13.06 13.55 -26.95
C PRO B 385 12.76 12.67 -28.18
N ILE B 386 12.06 11.58 -27.90
CA ILE B 386 11.66 10.60 -28.92
C ILE B 386 10.13 10.47 -28.88
N ALA B 387 9.50 10.63 -30.02
CA ALA B 387 8.04 10.50 -30.11
C ALA B 387 7.66 9.39 -31.08
N THR B 388 6.58 8.71 -30.76
CA THR B 388 6.12 7.60 -31.54
C THR B 388 4.67 7.85 -31.86
N ILE B 389 4.41 8.10 -33.15
CA ILE B 389 3.03 8.28 -33.60
C ILE B 389 2.43 6.97 -34.14
N ILE B 390 1.19 6.71 -33.72
CA ILE B 390 0.49 5.44 -33.96
C ILE B 390 -0.93 5.72 -34.49
N LYS B 391 -1.26 5.11 -35.63
CA LYS B 391 -2.56 5.27 -36.27
C LYS B 391 -3.60 4.39 -35.60
N ALA B 392 -4.74 4.97 -35.28
CA ALA B 392 -5.87 4.21 -34.71
C ALA B 392 -7.04 4.20 -35.69
N GLY B 393 -7.72 3.05 -35.80
CA GLY B 393 -8.77 2.87 -36.79
C GLY B 393 -10.06 3.59 -36.43
N SER B 394 -10.24 3.86 -35.15
CA SER B 394 -11.47 4.45 -34.62
C SER B 394 -11.19 4.97 -33.22
N ASP B 395 -12.13 5.77 -32.69
CA ASP B 395 -11.97 6.31 -31.34
C ASP B 395 -11.89 5.18 -30.30
N GLN B 396 -12.72 4.16 -30.47
CA GLN B 396 -12.72 3.01 -29.56
C GLN B 396 -11.35 2.33 -29.51
N GLU B 397 -10.78 2.08 -30.69
CA GLU B 397 -9.45 1.51 -30.82
C GLU B 397 -8.37 2.38 -30.19
N ALA B 398 -8.52 3.71 -30.29
CA ALA B 398 -7.53 4.62 -29.66
C ALA B 398 -7.50 4.41 -28.15
N ILE B 399 -8.69 4.28 -27.59
CA ILE B 399 -8.85 4.05 -26.17
C ILE B 399 -8.24 2.72 -25.77
N ASP B 400 -8.46 1.69 -26.58
CA ASP B 400 -7.89 0.38 -26.26
C ASP B 400 -6.37 0.33 -26.41
N MET B 401 -5.85 0.97 -27.47
CA MET B 401 -4.40 1.07 -27.65
C MET B 401 -3.81 1.78 -26.45
N ALA B 402 -4.47 2.83 -25.98
CA ALA B 402 -4.07 3.48 -24.74
C ALA B 402 -4.01 2.51 -23.55
N ASN B 403 -5.00 1.63 -23.42
CA ASN B 403 -5.02 0.64 -22.34
C ASN B 403 -3.96 -0.47 -22.42
N ASP B 404 -3.52 -0.75 -23.65
CA ASP B 404 -2.57 -1.81 -23.95
C ASP B 404 -1.14 -1.40 -23.56
N THR B 405 -0.90 -1.43 -22.27
CA THR B 405 0.37 -1.11 -21.67
C THR B 405 0.29 -1.56 -20.22
N GLU B 406 1.44 -1.73 -19.55
CA GLU B 406 1.42 -2.20 -18.16
C GLU B 406 1.76 -1.14 -17.08
N TYR B 407 1.88 0.09 -17.54
CA TYR B 407 2.47 1.16 -16.77
C TYR B 407 1.62 2.40 -16.53
N GLY B 408 0.30 2.34 -16.58
CA GLY B 408 -0.42 3.59 -16.73
C GLY B 408 -0.53 4.49 -15.52
N LEU B 409 0.12 5.63 -15.63
CA LEU B 409 0.07 6.65 -14.61
C LEU B 409 -0.83 7.77 -15.07
N SER B 410 -0.65 8.19 -16.31
CA SER B 410 -1.35 9.32 -16.83
C SER B 410 -1.80 9.04 -18.23
N SER B 411 -2.72 9.84 -18.72
CA SER B 411 -3.14 9.76 -20.13
C SER B 411 -3.72 11.10 -20.58
N ALA B 412 -3.77 11.32 -21.89
CA ALA B 412 -4.41 12.52 -22.41
C ALA B 412 -5.25 12.13 -23.60
N VAL B 413 -6.41 12.75 -23.69
CA VAL B 413 -7.36 12.54 -24.79
C VAL B 413 -7.76 13.92 -25.29
N PHE B 414 -7.64 14.12 -26.61
CA PHE B 414 -8.08 15.36 -27.27
C PHE B 414 -9.32 15.15 -28.12
N THR B 415 -10.35 15.93 -27.81
CA THR B 415 -11.67 15.82 -28.47
C THR B 415 -12.52 17.08 -28.24
N SER B 416 -13.26 17.49 -29.27
CA SER B 416 -14.21 18.61 -29.17
C SER B 416 -15.43 18.33 -28.27
N ASP B 417 -15.75 17.06 -28.11
CA ASP B 417 -16.89 16.60 -27.33
C ASP B 417 -16.41 16.20 -25.90
N LEU B 418 -16.50 17.19 -24.99
CA LEU B 418 -16.04 17.06 -23.60
C LEU B 418 -16.77 15.97 -22.85
N GLU B 419 -18.05 15.78 -23.16
CA GLU B 419 -18.81 14.69 -22.57
C GLU B 419 -18.20 13.34 -22.95
N LYS B 420 -17.94 13.15 -24.24
CA LYS B 420 -17.40 11.90 -24.77
C LYS B 420 -15.90 11.72 -24.41
N GLY B 421 -15.20 12.82 -24.19
CA GLY B 421 -13.83 12.74 -23.65
C GLY B 421 -13.84 12.12 -22.27
N GLU B 422 -14.80 12.55 -21.47
CA GLU B 422 -14.98 12.09 -20.10
C GLU B 422 -15.39 10.62 -20.01
N LYS B 423 -16.29 10.19 -20.90
CA LYS B 423 -16.69 8.77 -20.95
C LYS B 423 -15.48 7.92 -21.39
N PHE B 424 -14.66 8.45 -22.28
CA PHE B 424 -13.48 7.72 -22.70
C PHE B 424 -12.37 7.68 -21.64
N ALA B 425 -12.12 8.80 -20.98
CA ALA B 425 -11.17 8.84 -19.86
C ALA B 425 -11.52 7.82 -18.79
N LEU B 426 -12.81 7.60 -18.55
CA LEU B 426 -13.24 6.64 -17.54
C LEU B 426 -12.89 5.19 -17.93
N GLN B 427 -12.70 4.95 -19.23
CA GLN B 427 -12.30 3.65 -19.75
C GLN B 427 -10.79 3.45 -19.75
N ILE B 428 -10.03 4.53 -19.61
CA ILE B 428 -8.59 4.41 -19.54
C ILE B 428 -8.26 4.01 -18.11
N ASP B 429 -7.57 2.88 -18.03
CA ASP B 429 -7.12 2.26 -16.81
C ASP B 429 -5.83 2.96 -16.32
N SER B 430 -6.03 4.07 -15.63
CA SER B 430 -4.95 4.92 -15.13
C SER B 430 -5.52 5.85 -14.07
N GLY B 431 -4.67 6.41 -13.22
CA GLY B 431 -5.15 7.21 -12.11
C GLY B 431 -5.57 8.59 -12.57
N MET B 432 -4.83 9.13 -13.52
CA MET B 432 -5.14 10.43 -14.09
C MET B 432 -5.32 10.37 -15.60
N THR B 433 -6.28 11.16 -16.09
CA THR B 433 -6.46 11.46 -17.52
C THR B 433 -6.79 12.95 -17.72
N HIS B 434 -6.24 13.55 -18.77
CA HIS B 434 -6.52 14.94 -19.13
C HIS B 434 -7.27 14.99 -20.43
N VAL B 435 -8.44 15.61 -20.39
CA VAL B 435 -9.25 15.78 -21.56
C VAL B 435 -8.89 17.16 -22.10
N ASN B 436 -8.22 17.17 -23.25
CA ASN B 436 -7.69 18.40 -23.83
C ASN B 436 -6.53 19.05 -23.04
N ASP B 437 -5.97 18.30 -22.08
CA ASP B 437 -4.65 18.59 -21.48
C ASP B 437 -4.45 20.06 -21.10
N ASN B 461 -4.86 16.07 -3.18
CA ASN B 461 -5.12 17.18 -2.27
C ASN B 461 -5.55 16.73 -0.85
N PRO B 462 -6.49 15.76 -0.74
CA PRO B 462 -6.72 15.21 0.60
C PRO B 462 -5.92 13.93 0.91
N TRP B 463 -5.56 13.16 -0.13
CA TRP B 463 -4.96 11.83 0.04
C TRP B 463 -3.50 11.79 0.44
N VAL B 464 -2.82 12.93 0.35
CA VAL B 464 -1.43 13.06 0.77
C VAL B 464 -1.26 12.90 2.28
N VAL B 465 -2.06 13.66 3.05
CA VAL B 465 -2.02 13.60 4.51
C VAL B 465 -2.01 12.15 4.95
N GLU B 466 -2.93 11.38 4.39
CA GLU B 466 -3.05 9.95 4.68
C GLU B 466 -1.75 9.16 4.47
N GLU B 467 -1.02 9.47 3.41
CA GLU B 467 0.21 8.74 3.15
C GLU B 467 1.27 9.02 4.21
N PHE B 468 1.25 10.23 4.76
CA PHE B 468 2.28 10.64 5.70
C PHE B 468 1.79 10.67 7.16
N THR B 469 0.70 9.96 7.44
CA THR B 469 0.16 9.87 8.80
C THR B 469 -0.48 8.51 9.13
N VAL B 470 -0.55 8.24 10.43
CA VAL B 470 -1.19 7.04 10.94
C VAL B 470 -2.50 7.47 11.57
N THR B 471 -3.60 6.93 11.07
CA THR B 471 -4.90 7.06 11.74
C THR B 471 -4.96 5.97 12.81
N LYS B 472 -4.96 6.38 14.09
CA LYS B 472 -5.02 5.47 15.23
C LYS B 472 -6.45 5.45 15.83
N TRP B 473 -6.89 4.25 16.26
CA TRP B 473 -8.25 3.98 16.71
C TRP B 473 -8.19 3.54 18.14
N ILE B 474 -8.98 4.20 18.99
CA ILE B 474 -9.09 3.81 20.39
C ILE B 474 -10.58 3.66 20.69
N SER B 475 -10.98 2.45 21.10
CA SER B 475 -12.34 2.18 21.56
C SER B 475 -12.42 2.24 23.07
N ILE B 476 -13.33 3.05 23.58
CA ILE B 476 -13.45 3.30 25.01
C ILE B 476 -14.81 2.81 25.52
N GLN B 477 -14.79 2.00 26.57
CA GLN B 477 -16.02 1.38 27.13
C GLN B 477 -16.55 2.06 28.41
N LYS B 478 -17.85 1.87 28.69
CA LYS B 478 -18.49 2.31 29.94
C LYS B 478 -18.38 1.25 31.05
#